data_7ROZ
#
_entry.id   7ROZ
#
_cell.length_a   1.00
_cell.length_b   1.00
_cell.length_c   1.00
_cell.angle_alpha   90.00
_cell.angle_beta   90.00
_cell.angle_gamma   90.00
#
_symmetry.space_group_name_H-M   'P 1'
#
loop_
_entity.id
_entity.type
_entity.pdbx_description
1 polymer 'RNA-dependent RNA polymerase 2'
2 non-polymer 'MAGNESIUM ION'
#
_entity_poly.entity_id   1
_entity_poly.type   'polypeptide(L)'
_entity_poly.pdbx_seq_one_letter_code
;MVSETTTNRSTVKISNVPQTIVADELLRFLELHLGEDTVFALEIPTTRDNWKPRDFARVQFTTLEVKSRAQLLSSQSKLL
FKTHNLRLSEAYDDIIPRPVDPRKRLDDIVLTVGFPESDEKRFCALEKWDGVRCWILTEKRRVEFWVWESGDCYKIEVRF
EDIIETLSCCVNGDASEIDAFLLKLKYGPKVFKRVTVHIATKFKSDRYRFCKEDFDFMWIRTTDFSGSKSIGTSTCFCLE
VHNGSTMLDIFSGLPYYREDTLSLTYVDGKTFASAAQIVPLLNAAILGLEFPYEILFQLNALVHAQKISLFAASDMELIK
ILRGMSLETALVILKKLHQQSSICYDPVFFVKTQMQSVVKKMKHSPASAYKRLTEQNIMSCQRAYVTPSKIYLLGPELET
ANYVVKNFAEHVSDFMRVTFVEEDWSKLPANALSVNSKEGYFVKPSRTNIYNRVLSILGEGITVGPKRFEFLAFSASQLR
GNSVWMFASNEKVKAEDIREWMGCFRKIRSISKCAARMGQLFSASRQTLIVRAQDVEQIPDIEVTTDGADYCFSDGIGKI
SLAFAKQVAQKCGLSHVPSAFQIRYGGYKGVIAVDRSSFRKLSLRDSMLKFDSNNRMLNVTRWTESMPCFLNREIICLLS
TLGIEDAMFEAMQAVHLSMLGNMLEDRDAALNVLQKLSGENSKNLLVKMLLQGYAPSSEPYLSMMLRVHHESQLSELKSR
CRILVPKGRILIGCMDEMGILEYGQVYVRVTLTKAELKSRDQSYFRKIDEETSVVIGKVVVTKNPCLHPGDIRVLDAIYE
VHFEEKGYLDCIIFPQKGERPHPNECSGGDLDGDQFFVSWDEKIIPSEMDPPMDYAGSRPRLMDHDVTLEEIHKFFVDYM
ISDTLGVISTAHLVHADRDPEKARSQKCLELANLHSRAVDFAKTGAPAEMPYALKPREFPDFLERFEKPTYISESVFGKL
YRAVKSSLAQRKPEAESEDTVAYDVTLEEAGFESFIETAKAHRDMYGEKLTSLMIYYGAANEEEILTGILKTKEMYLARD
NRRYGDMKDRITLSVKDLHKEAMGWFEKSCEDEQQKKKLASAWYYVTYNPNHRDEKLTFLSFPWIVGDVLLDIKAENAQR
QSVEEKTSGLVSIKLENLYFQGSAWSHPQFEKGGGSGGGSGGSAWSHPQFEK
;
_entity_poly.pdbx_strand_id   A
#
loop_
_chem_comp.id
_chem_comp.type
_chem_comp.name
_chem_comp.formula
MG non-polymer 'MAGNESIUM ION' 'Mg 2'
#
# COMPACT_ATOMS: atom_id res chain seq x y z
N THR A 7 -7.29 -0.50 -32.89
CA THR A 7 -6.04 0.13 -32.50
C THR A 7 -6.26 1.60 -32.11
N ASN A 8 -7.43 2.12 -32.44
CA ASN A 8 -7.78 3.50 -32.12
C ASN A 8 -9.14 3.66 -31.44
N ARG A 9 -9.98 2.64 -31.44
CA ARG A 9 -11.32 2.59 -30.83
C ARG A 9 -12.31 3.50 -31.54
N SER A 10 -11.92 4.13 -32.66
CA SER A 10 -12.78 4.92 -33.53
C SER A 10 -13.40 6.13 -32.86
N THR A 11 -12.95 6.49 -31.66
CA THR A 11 -13.45 7.67 -30.95
C THR A 11 -12.57 8.86 -31.32
N VAL A 12 -13.12 9.77 -32.12
CA VAL A 12 -12.36 10.89 -32.65
C VAL A 12 -12.74 12.15 -31.90
N LYS A 13 -11.74 12.84 -31.36
CA LYS A 13 -11.95 14.10 -30.65
C LYS A 13 -12.21 15.21 -31.67
N ILE A 14 -13.46 15.69 -31.72
CA ILE A 14 -13.84 16.72 -32.67
C ILE A 14 -13.17 18.04 -32.28
N SER A 15 -12.97 18.89 -33.28
CA SER A 15 -12.33 20.19 -33.08
C SER A 15 -13.33 21.17 -32.49
N ASN A 16 -12.98 22.46 -32.51
CA ASN A 16 -13.83 23.48 -31.94
C ASN A 16 -15.24 23.42 -32.51
N VAL A 17 -16.23 23.33 -31.61
CA VAL A 17 -17.64 23.26 -32.01
C VAL A 17 -18.45 24.16 -31.10
N PRO A 18 -19.54 24.72 -31.64
CA PRO A 18 -20.42 25.56 -30.81
C PRO A 18 -21.14 24.72 -29.77
N GLN A 19 -21.54 25.39 -28.68
CA GLN A 19 -22.32 24.73 -27.65
C GLN A 19 -23.79 24.57 -28.04
N THR A 20 -24.24 25.31 -29.05
CA THR A 20 -25.63 25.23 -29.50
C THR A 20 -25.72 24.28 -30.70
N ILE A 21 -25.38 23.02 -30.44
CA ILE A 21 -25.36 21.97 -31.44
C ILE A 21 -26.27 20.84 -30.97
N VAL A 22 -27.06 20.30 -31.91
CA VAL A 22 -27.97 19.20 -31.64
C VAL A 22 -27.32 17.91 -32.12
N ALA A 23 -27.37 16.87 -31.28
CA ALA A 23 -26.80 15.58 -31.66
C ALA A 23 -27.50 15.01 -32.89
N ASP A 24 -28.83 15.11 -32.93
CA ASP A 24 -29.57 14.63 -34.10
C ASP A 24 -29.19 15.41 -35.35
N GLU A 25 -28.79 16.67 -35.20
CA GLU A 25 -28.30 17.43 -36.35
C GLU A 25 -26.98 16.84 -36.86
N LEU A 26 -26.03 16.61 -35.94
CA LEU A 26 -24.78 15.98 -36.35
C LEU A 26 -24.99 14.53 -36.77
N LEU A 27 -25.97 13.85 -36.18
CA LEU A 27 -26.29 12.49 -36.62
C LEU A 27 -26.77 12.49 -38.07
N ARG A 28 -27.63 13.45 -38.43
CA ARG A 28 -28.14 13.51 -39.80
C ARG A 28 -27.16 14.19 -40.74
N PHE A 29 -26.40 15.17 -40.25
CA PHE A 29 -25.37 15.80 -41.08
C PHE A 29 -24.29 14.79 -41.44
N LEU A 30 -23.87 13.97 -40.49
CA LEU A 30 -22.88 12.94 -40.77
C LEU A 30 -23.43 11.86 -41.70
N GLU A 31 -24.76 11.70 -41.74
CA GLU A 31 -25.36 10.77 -42.70
C GLU A 31 -25.15 11.23 -44.13
N LEU A 32 -25.28 12.54 -44.38
CA LEU A 32 -25.06 13.08 -45.72
C LEU A 32 -23.60 13.16 -46.09
N HIS A 33 -22.68 12.96 -45.14
CA HIS A 33 -21.25 13.02 -45.38
C HIS A 33 -20.59 11.65 -45.41
N LEU A 34 -21.13 10.68 -44.67
CA LEU A 34 -20.59 9.32 -44.62
C LEU A 34 -21.68 8.31 -44.93
N GLY A 35 -21.43 7.04 -44.63
CA GLY A 35 -22.38 5.99 -44.94
C GLY A 35 -23.64 6.07 -44.11
N GLU A 36 -24.63 5.28 -44.52
CA GLU A 36 -25.94 5.27 -43.87
C GLU A 36 -25.87 4.48 -42.58
N ASP A 37 -26.20 5.15 -41.46
CA ASP A 37 -26.18 4.53 -40.13
C ASP A 37 -24.82 3.93 -39.82
N THR A 38 -23.75 4.67 -40.14
CA THR A 38 -22.39 4.20 -39.95
C THR A 38 -21.67 4.96 -38.84
N VAL A 39 -22.41 5.44 -37.84
CA VAL A 39 -21.84 6.10 -36.67
C VAL A 39 -22.37 5.39 -35.43
N PHE A 40 -21.46 5.08 -34.50
CA PHE A 40 -21.80 4.28 -33.33
C PHE A 40 -22.18 5.14 -32.13
N ALA A 41 -21.28 6.03 -31.70
CA ALA A 41 -21.52 6.86 -30.53
C ALA A 41 -21.05 8.28 -30.82
N LEU A 42 -21.61 9.23 -30.05
CA LEU A 42 -21.33 10.64 -30.22
C LEU A 42 -21.35 11.33 -28.86
N GLU A 43 -20.43 12.28 -28.68
CA GLU A 43 -20.31 13.02 -27.42
C GLU A 43 -20.11 14.50 -27.73
N ILE A 44 -20.82 15.34 -26.99
CA ILE A 44 -20.66 16.79 -27.07
C ILE A 44 -20.71 17.36 -25.65
N PRO A 45 -19.70 18.12 -25.22
CA PRO A 45 -19.67 18.68 -23.85
C PRO A 45 -20.69 19.79 -23.66
N PHE A 56 -14.46 20.10 -27.28
CA PHE A 56 -14.02 18.80 -26.77
C PHE A 56 -15.11 17.75 -26.98
N ALA A 57 -15.48 17.54 -28.24
CA ALA A 57 -16.51 16.58 -28.60
C ALA A 57 -15.87 15.28 -29.09
N ARG A 58 -16.58 14.18 -28.87
CA ARG A 58 -16.10 12.85 -29.25
C ARG A 58 -17.16 12.15 -30.08
N VAL A 59 -16.73 11.50 -31.16
CA VAL A 59 -17.60 10.71 -32.02
C VAL A 59 -16.96 9.35 -32.25
N GLN A 60 -17.69 8.29 -31.94
CA GLN A 60 -17.23 6.93 -32.16
C GLN A 60 -17.94 6.35 -33.38
N PHE A 61 -17.16 5.80 -34.30
CA PHE A 61 -17.70 5.20 -35.51
C PHE A 61 -17.78 3.68 -35.36
N THR A 62 -18.51 3.06 -36.30
CA THR A 62 -18.75 1.62 -36.21
C THR A 62 -17.47 0.83 -36.43
N THR A 63 -16.71 1.16 -37.47
CA THR A 63 -15.51 0.42 -37.84
C THR A 63 -14.37 1.40 -38.08
N LEU A 64 -13.21 0.85 -38.42
CA LEU A 64 -12.05 1.64 -38.83
C LEU A 64 -11.98 1.86 -40.33
N GLU A 65 -13.01 1.44 -41.07
CA GLU A 65 -13.14 1.82 -42.47
C GLU A 65 -14.05 3.03 -42.62
N VAL A 66 -15.11 3.11 -41.82
CA VAL A 66 -15.90 4.34 -41.77
C VAL A 66 -15.11 5.44 -41.07
N LYS A 67 -14.40 5.09 -40.01
CA LYS A 67 -13.33 5.96 -39.53
C LYS A 67 -12.17 5.89 -40.52
N SER A 68 -11.36 6.93 -40.53
CA SER A 68 -10.29 7.17 -41.50
C SER A 68 -10.83 7.46 -42.89
N ARG A 69 -12.15 7.36 -43.09
CA ARG A 69 -12.82 7.95 -44.24
C ARG A 69 -13.40 9.31 -43.90
N ALA A 70 -13.94 9.46 -42.69
CA ALA A 70 -14.22 10.79 -42.16
C ALA A 70 -12.91 11.56 -41.99
N GLN A 71 -11.87 10.90 -41.51
CA GLN A 71 -10.54 11.52 -41.47
C GLN A 71 -10.06 11.85 -42.87
N LEU A 72 -10.29 10.94 -43.83
CA LEU A 72 -9.98 11.25 -45.22
C LEU A 72 -10.80 12.44 -45.70
N LEU A 73 -12.08 12.51 -45.31
CA LEU A 73 -12.89 13.69 -45.62
C LEU A 73 -12.51 14.87 -44.74
N SER A 74 -12.06 14.61 -43.51
CA SER A 74 -11.51 15.70 -42.70
C SER A 74 -10.25 16.29 -43.32
N SER A 75 -9.37 15.43 -43.84
CA SER A 75 -8.23 15.91 -44.59
C SER A 75 -8.67 16.66 -45.84
N GLN A 76 -9.77 16.23 -46.46
CA GLN A 76 -10.34 16.97 -47.58
C GLN A 76 -11.02 18.25 -47.12
N SER A 77 -11.29 18.38 -45.82
CA SER A 77 -11.84 19.61 -45.22
C SER A 77 -13.20 19.99 -45.82
N LYS A 78 -13.93 19.00 -46.35
CA LYS A 78 -15.26 19.28 -46.88
C LYS A 78 -16.30 19.45 -45.78
N LEU A 79 -16.15 18.73 -44.66
CA LEU A 79 -17.17 18.75 -43.62
C LEU A 79 -17.18 20.09 -42.91
N LEU A 80 -18.36 20.73 -42.89
CA LEU A 80 -18.52 22.01 -42.20
C LEU A 80 -20.01 22.18 -41.91
N PHE A 81 -20.39 21.95 -40.65
CA PHE A 81 -21.78 22.15 -40.26
C PHE A 81 -22.01 23.61 -39.87
N LYS A 82 -23.16 24.15 -40.30
CA LYS A 82 -23.47 25.56 -40.14
C LYS A 82 -22.39 26.42 -40.79
N THR A 83 -21.56 27.07 -39.98
CA THR A 83 -20.46 27.88 -40.47
C THR A 83 -19.13 27.53 -39.79
N HIS A 84 -19.06 26.40 -39.11
CA HIS A 84 -17.89 26.01 -38.32
C HIS A 84 -17.25 24.78 -38.93
N ASN A 85 -15.95 24.87 -39.20
CA ASN A 85 -15.20 23.75 -39.75
C ASN A 85 -14.86 22.75 -38.65
N LEU A 86 -14.65 21.50 -39.07
CA LEU A 86 -14.30 20.42 -38.16
C LEU A 86 -12.94 19.86 -38.52
N ARG A 87 -12.07 19.74 -37.53
CA ARG A 87 -10.74 19.14 -37.68
C ARG A 87 -10.71 17.90 -36.79
N LEU A 88 -11.05 16.75 -37.36
CA LEU A 88 -11.11 15.50 -36.61
C LEU A 88 -9.71 15.13 -36.14
N SER A 89 -9.48 15.21 -34.84
CA SER A 89 -8.14 15.07 -34.28
C SER A 89 -7.86 13.61 -33.92
N GLU A 90 -6.78 13.39 -33.17
CA GLU A 90 -6.35 12.05 -32.81
C GLU A 90 -7.37 11.38 -31.89
N ALA A 91 -7.38 10.05 -31.92
CA ALA A 91 -8.34 9.28 -31.14
C ALA A 91 -8.11 9.48 -29.64
N TYR A 92 -9.14 9.95 -28.95
CA TYR A 92 -9.10 10.14 -27.51
C TYR A 92 -9.64 8.88 -26.83
N ASP A 93 -9.88 8.96 -25.52
CA ASP A 93 -10.40 7.81 -24.78
C ASP A 93 -11.79 7.42 -25.27
N ASP A 94 -12.07 6.12 -25.19
CA ASP A 94 -13.34 5.58 -25.67
C ASP A 94 -14.52 6.15 -24.90
N ILE A 95 -15.54 6.61 -25.64
CA ILE A 95 -16.79 7.02 -25.02
C ILE A 95 -17.51 5.81 -24.41
N ILE A 96 -17.62 4.73 -25.18
CA ILE A 96 -18.21 3.47 -24.71
C ILE A 96 -17.32 2.34 -25.20
N PRO A 97 -16.72 1.55 -24.30
CA PRO A 97 -15.73 0.57 -24.75
C PRO A 97 -16.34 -0.57 -25.54
N ARG A 98 -16.14 -0.56 -26.86
CA ARG A 98 -16.61 -1.59 -27.76
C ARG A 98 -15.48 -2.03 -28.66
N PRO A 99 -15.42 -3.31 -29.04
CA PRO A 99 -14.35 -3.76 -29.95
C PRO A 99 -14.65 -3.31 -31.36
N VAL A 100 -13.77 -2.45 -31.90
CA VAL A 100 -13.98 -1.94 -33.26
C VAL A 100 -13.87 -3.07 -34.28
N ASP A 101 -13.08 -4.09 -33.98
CA ASP A 101 -12.98 -5.24 -34.87
C ASP A 101 -14.27 -6.04 -34.81
N PRO A 102 -14.92 -6.31 -35.96
CA PRO A 102 -16.18 -7.06 -35.91
C PRO A 102 -16.04 -8.46 -35.32
N ARG A 103 -14.90 -9.12 -35.51
CA ARG A 103 -14.74 -10.47 -34.98
C ARG A 103 -14.49 -10.47 -33.48
N LYS A 104 -13.91 -9.40 -32.93
CA LYS A 104 -13.61 -9.38 -31.50
C LYS A 104 -14.87 -9.23 -30.68
N ARG A 105 -15.97 -8.78 -31.28
CA ARG A 105 -17.24 -8.64 -30.59
C ARG A 105 -18.02 -9.94 -30.72
N LEU A 106 -17.76 -10.88 -29.82
CA LEU A 106 -18.46 -12.16 -29.81
C LEU A 106 -19.76 -12.01 -29.02
N ASP A 107 -20.87 -12.42 -29.63
CA ASP A 107 -22.18 -12.31 -29.01
C ASP A 107 -22.90 -13.65 -29.07
N ASP A 108 -23.83 -13.84 -28.13
CA ASP A 108 -24.65 -15.05 -28.05
C ASP A 108 -23.78 -16.29 -27.92
N ILE A 109 -22.89 -16.27 -26.92
CA ILE A 109 -22.01 -17.38 -26.63
C ILE A 109 -22.47 -18.02 -25.31
N VAL A 110 -22.00 -19.24 -25.07
CA VAL A 110 -22.31 -19.98 -23.85
C VAL A 110 -21.07 -19.92 -22.96
N LEU A 111 -21.22 -19.32 -21.79
CA LEU A 111 -20.13 -19.12 -20.85
C LEU A 111 -20.38 -19.95 -19.60
N THR A 112 -19.42 -20.80 -19.25
CA THR A 112 -19.48 -21.61 -18.05
C THR A 112 -18.25 -21.32 -17.21
N VAL A 113 -18.47 -21.02 -15.93
CA VAL A 113 -17.39 -20.74 -15.00
C VAL A 113 -17.11 -21.99 -14.18
N GLY A 114 -15.85 -22.22 -13.85
CA GLY A 114 -15.50 -23.37 -13.06
C GLY A 114 -14.02 -23.54 -12.88
N PHE A 115 -13.65 -24.74 -12.46
CA PHE A 115 -12.28 -25.12 -12.12
C PHE A 115 -12.06 -26.56 -12.55
N PRO A 116 -10.80 -26.95 -12.78
CA PRO A 116 -10.52 -28.24 -13.42
C PRO A 116 -10.70 -29.46 -12.52
N GLU A 117 -11.23 -29.28 -11.31
CA GLU A 117 -11.50 -30.37 -10.34
C GLU A 117 -10.30 -31.31 -10.20
N SER A 118 -9.09 -30.79 -10.47
CA SER A 118 -7.85 -31.56 -10.34
C SER A 118 -7.81 -32.73 -11.31
N ASP A 119 -8.06 -32.44 -12.59
CA ASP A 119 -7.74 -33.39 -13.65
C ASP A 119 -7.10 -32.75 -14.87
N GLU A 120 -7.15 -31.43 -15.01
CA GLU A 120 -6.61 -30.63 -16.10
C GLU A 120 -7.37 -30.80 -17.40
N LYS A 121 -8.34 -31.71 -17.46
CA LYS A 121 -9.12 -31.92 -18.68
C LYS A 121 -10.62 -32.02 -18.43
N ARG A 122 -11.07 -31.94 -17.18
CA ARG A 122 -12.49 -31.97 -16.87
C ARG A 122 -12.87 -30.72 -16.10
N PHE A 123 -13.98 -30.09 -16.50
CA PHE A 123 -14.37 -28.78 -16.03
C PHE A 123 -15.66 -28.86 -15.22
N CYS A 124 -15.68 -28.20 -14.07
CA CYS A 124 -16.88 -28.09 -13.24
C CYS A 124 -17.75 -26.97 -13.79
N ALA A 125 -18.83 -27.34 -14.48
CA ALA A 125 -19.78 -26.36 -15.00
C ALA A 125 -20.62 -25.85 -13.83
N LEU A 126 -20.06 -24.89 -13.10
CA LEU A 126 -20.75 -24.34 -11.94
C LEU A 126 -22.05 -23.65 -12.35
N GLU A 127 -22.02 -22.88 -13.42
CA GLU A 127 -23.23 -22.25 -13.95
C GLU A 127 -23.00 -21.90 -15.41
N LYS A 128 -24.00 -22.14 -16.24
CA LYS A 128 -23.92 -21.90 -17.67
C LYS A 128 -24.81 -20.71 -18.02
N TRP A 129 -24.24 -19.75 -18.74
CA TRP A 129 -24.94 -18.54 -19.14
C TRP A 129 -25.03 -18.49 -20.66
N ASP A 130 -26.24 -18.27 -21.17
CA ASP A 130 -26.48 -18.18 -22.60
C ASP A 130 -26.77 -16.74 -22.99
N GLY A 131 -26.44 -16.41 -24.24
CA GLY A 131 -26.58 -15.03 -24.70
C GLY A 131 -25.50 -14.11 -24.21
N VAL A 132 -24.36 -14.64 -23.76
CA VAL A 132 -23.27 -13.81 -23.26
C VAL A 132 -22.65 -13.04 -24.42
N ARG A 133 -22.46 -11.74 -24.23
CA ARG A 133 -21.82 -10.87 -25.22
C ARG A 133 -20.38 -10.67 -24.80
N CYS A 134 -19.48 -11.40 -25.46
CA CYS A 134 -18.05 -11.35 -25.13
C CYS A 134 -17.37 -10.29 -26.01
N TRP A 135 -16.96 -9.19 -25.38
CA TRP A 135 -16.22 -8.13 -26.07
C TRP A 135 -14.76 -8.24 -25.67
N ILE A 136 -13.94 -8.77 -26.59
CA ILE A 136 -12.51 -8.93 -26.37
C ILE A 136 -11.84 -7.63 -26.78
N LEU A 137 -11.50 -6.80 -25.79
CA LEU A 137 -10.93 -5.48 -26.03
C LEU A 137 -9.42 -5.54 -25.86
N THR A 138 -8.68 -5.10 -26.88
CA THR A 138 -7.22 -5.15 -26.85
C THR A 138 -6.61 -3.83 -26.39
N GLU A 139 -7.04 -2.70 -26.97
CA GLU A 139 -6.50 -1.40 -26.58
C GLU A 139 -6.75 -1.13 -25.11
N LYS A 140 -8.01 -1.25 -24.68
CA LYS A 140 -8.34 -1.30 -23.26
C LYS A 140 -8.28 -2.77 -22.86
N ARG A 141 -7.21 -3.15 -22.17
CA ARG A 141 -6.90 -4.56 -21.99
C ARG A 141 -7.91 -5.22 -21.05
N ARG A 142 -8.98 -5.78 -21.63
CA ARG A 142 -10.05 -6.39 -20.86
C ARG A 142 -10.96 -7.17 -21.81
N VAL A 143 -11.46 -8.30 -21.33
CA VAL A 143 -12.52 -9.04 -22.01
C VAL A 143 -13.75 -8.95 -21.13
N GLU A 144 -14.80 -8.29 -21.63
CA GLU A 144 -16.02 -8.07 -20.86
C GLU A 144 -17.12 -8.98 -21.39
N PHE A 145 -17.66 -9.81 -20.51
CA PHE A 145 -18.76 -10.70 -20.85
C PHE A 145 -20.06 -10.10 -20.31
N TRP A 146 -20.98 -9.82 -21.22
CA TRP A 146 -22.29 -9.26 -20.87
C TRP A 146 -23.26 -10.42 -20.65
N VAL A 147 -23.63 -10.66 -19.40
CA VAL A 147 -24.57 -11.72 -19.07
C VAL A 147 -25.95 -11.11 -18.85
N TRP A 148 -26.97 -11.96 -18.83
CA TRP A 148 -28.35 -11.54 -18.64
C TRP A 148 -29.04 -12.46 -17.64
N GLU A 149 -28.38 -12.72 -16.52
CA GLU A 149 -28.96 -13.55 -15.48
C GLU A 149 -30.18 -12.87 -14.86
N SER A 150 -31.23 -13.64 -14.66
CA SER A 150 -32.50 -13.15 -14.11
C SER A 150 -33.03 -12.06 -15.05
N GLY A 151 -33.59 -10.97 -14.53
CA GLY A 151 -34.13 -9.92 -15.34
C GLY A 151 -33.23 -8.72 -15.56
N ASP A 152 -32.04 -8.71 -14.97
CA ASP A 152 -31.10 -7.62 -15.13
C ASP A 152 -29.86 -8.09 -15.88
N CYS A 153 -29.07 -7.12 -16.34
CA CYS A 153 -27.86 -7.38 -17.12
C CYS A 153 -26.63 -7.10 -16.27
N TYR A 154 -25.64 -7.98 -16.37
CA TYR A 154 -24.39 -7.83 -15.65
C TYR A 154 -23.22 -8.03 -16.61
N LYS A 155 -22.15 -7.28 -16.37
CA LYS A 155 -20.94 -7.33 -17.18
C LYS A 155 -19.80 -7.91 -16.35
N ILE A 156 -19.18 -8.96 -16.89
CA ILE A 156 -18.07 -9.65 -16.23
C ILE A 156 -16.82 -9.31 -17.02
N GLU A 157 -15.91 -8.56 -16.39
CA GLU A 157 -14.71 -8.07 -17.08
C GLU A 157 -13.46 -8.71 -16.47
N VAL A 158 -12.71 -9.42 -17.30
CA VAL A 158 -11.34 -9.79 -16.95
C VAL A 158 -10.41 -8.68 -17.45
N ARG A 159 -9.19 -8.65 -16.94
CA ARG A 159 -8.35 -7.46 -17.04
C ARG A 159 -7.06 -7.71 -17.84
N PHE A 160 -6.96 -8.85 -18.53
CA PHE A 160 -5.77 -9.25 -19.29
C PHE A 160 -4.59 -9.55 -18.37
N GLU A 161 -4.75 -9.30 -17.07
CA GLU A 161 -3.80 -9.78 -16.08
C GLU A 161 -4.42 -10.87 -15.22
N ASP A 162 -5.76 -10.92 -15.18
CA ASP A 162 -6.44 -12.04 -14.54
C ASP A 162 -6.12 -13.35 -15.26
N ILE A 163 -6.09 -13.33 -16.58
CA ILE A 163 -5.89 -14.53 -17.39
C ILE A 163 -4.44 -14.98 -17.26
N ILE A 164 -4.22 -16.07 -16.53
CA ILE A 164 -2.89 -16.68 -16.46
C ILE A 164 -2.71 -17.80 -17.47
N GLU A 165 -3.79 -18.27 -18.09
CA GLU A 165 -3.69 -19.30 -19.12
C GLU A 165 -4.97 -19.27 -19.94
N THR A 166 -4.86 -19.01 -21.23
CA THR A 166 -6.00 -19.15 -22.14
C THR A 166 -5.79 -20.39 -23.01
N LEU A 167 -6.80 -21.25 -23.05
CA LEU A 167 -6.72 -22.55 -23.67
C LEU A 167 -7.73 -22.68 -24.80
N SER A 168 -7.38 -23.44 -25.83
CA SER A 168 -8.31 -23.84 -26.86
C SER A 168 -8.94 -25.18 -26.46
N CYS A 169 -10.26 -25.23 -26.41
CA CYS A 169 -10.97 -26.37 -25.85
C CYS A 169 -11.91 -26.99 -26.88
N CYS A 170 -12.33 -28.21 -26.59
CA CYS A 170 -13.30 -28.96 -27.40
C CYS A 170 -14.28 -29.61 -26.42
N VAL A 171 -15.36 -28.90 -26.12
CA VAL A 171 -16.32 -29.39 -25.13
C VAL A 171 -17.38 -30.29 -25.76
N ASN A 172 -17.82 -29.97 -26.98
CA ASN A 172 -18.79 -30.79 -27.68
C ASN A 172 -18.05 -31.84 -28.51
N GLY A 173 -18.74 -32.49 -29.45
CA GLY A 173 -18.16 -33.52 -30.28
C GLY A 173 -16.88 -33.13 -30.97
N ASP A 174 -16.03 -34.13 -31.24
CA ASP A 174 -14.71 -33.87 -31.81
C ASP A 174 -14.75 -33.49 -33.28
N ALA A 175 -15.93 -33.31 -33.88
CA ALA A 175 -16.01 -32.90 -35.27
C ALA A 175 -15.35 -31.53 -35.48
N SER A 176 -15.61 -30.60 -34.57
CA SER A 176 -14.93 -29.31 -34.55
C SER A 176 -13.86 -29.34 -33.47
N GLU A 177 -12.60 -29.17 -33.88
CA GLU A 177 -11.50 -29.30 -32.93
C GLU A 177 -11.49 -28.15 -31.93
N ILE A 178 -11.91 -26.96 -32.33
CA ILE A 178 -11.92 -25.78 -31.46
C ILE A 178 -13.37 -25.36 -31.29
N ASP A 179 -13.93 -25.63 -30.11
CA ASP A 179 -15.29 -25.22 -29.79
C ASP A 179 -15.35 -24.20 -28.67
N ALA A 180 -14.60 -24.41 -27.58
CA ALA A 180 -14.62 -23.51 -26.44
C ALA A 180 -13.24 -22.93 -26.23
N PHE A 181 -13.17 -21.84 -25.47
CA PHE A 181 -11.92 -21.16 -25.16
C PHE A 181 -11.87 -20.90 -23.66
N LEU A 182 -11.03 -21.66 -22.95
CA LEU A 182 -10.90 -21.50 -21.51
C LEU A 182 -10.11 -20.24 -21.19
N LEU A 183 -10.47 -19.61 -20.07
CA LEU A 183 -9.81 -18.40 -19.58
C LEU A 183 -9.47 -18.62 -18.11
N LYS A 184 -8.30 -19.19 -17.85
CA LYS A 184 -7.88 -19.45 -16.48
C LYS A 184 -7.53 -18.14 -15.79
N LEU A 185 -8.29 -17.79 -14.75
CA LEU A 185 -8.10 -16.54 -14.03
C LEU A 185 -7.33 -16.79 -12.75
N LYS A 186 -6.56 -15.78 -12.32
CA LYS A 186 -5.83 -15.86 -11.06
C LYS A 186 -6.36 -14.90 -10.00
N TYR A 187 -6.98 -13.80 -10.40
CA TYR A 187 -7.51 -12.83 -9.44
C TYR A 187 -9.03 -12.82 -9.35
N GLY A 188 -9.74 -13.02 -10.45
CA GLY A 188 -11.19 -12.97 -10.44
C GLY A 188 -11.71 -11.69 -11.06
N PRO A 189 -12.81 -11.80 -11.79
CA PRO A 189 -13.31 -10.65 -12.55
C PRO A 189 -14.04 -9.64 -11.66
N LYS A 190 -14.26 -8.46 -12.23
CA LYS A 190 -15.04 -7.41 -11.60
C LYS A 190 -16.43 -7.39 -12.23
N VAL A 191 -17.45 -7.65 -11.42
CA VAL A 191 -18.82 -7.75 -11.91
C VAL A 191 -19.50 -6.39 -11.76
N PHE A 192 -20.14 -5.93 -12.82
CA PHE A 192 -20.90 -4.70 -12.82
C PHE A 192 -22.37 -5.00 -13.10
N LYS A 193 -23.24 -4.04 -12.81
CA LYS A 193 -24.68 -4.19 -12.96
C LYS A 193 -25.23 -3.09 -13.85
N ARG A 194 -26.22 -3.45 -14.66
CA ARG A 194 -26.88 -2.52 -15.58
C ARG A 194 -27.98 -1.80 -14.82
N VAL A 195 -27.75 -0.53 -14.48
CA VAL A 195 -28.72 0.29 -13.77
C VAL A 195 -29.01 1.54 -14.58
N THR A 196 -30.29 1.83 -14.78
CA THR A 196 -30.73 2.96 -15.58
C THR A 196 -31.44 3.98 -14.71
N VAL A 197 -31.64 5.18 -15.27
CA VAL A 197 -32.27 6.28 -14.58
C VAL A 197 -33.60 6.70 -15.21
N HIS A 198 -33.94 6.15 -16.39
CA HIS A 198 -35.13 6.53 -17.16
C HIS A 198 -35.33 8.04 -17.19
N ILE A 199 -34.31 8.74 -17.65
CA ILE A 199 -34.33 10.18 -17.79
C ILE A 199 -34.48 10.53 -19.26
N ALA A 200 -34.69 11.81 -19.55
CA ALA A 200 -34.83 12.25 -20.93
C ALA A 200 -33.64 11.80 -21.77
N THR A 201 -33.94 11.17 -22.91
CA THR A 201 -32.90 10.49 -23.68
C THR A 201 -32.01 11.44 -24.46
N LYS A 202 -32.52 12.60 -24.85
CA LYS A 202 -31.75 13.49 -25.71
C LYS A 202 -30.48 14.00 -25.02
N PHE A 203 -30.64 14.85 -24.02
CA PHE A 203 -29.53 15.51 -23.33
C PHE A 203 -28.43 15.90 -24.32
N LYS A 204 -28.84 16.72 -25.31
CA LYS A 204 -28.08 16.96 -26.53
C LYS A 204 -27.40 15.68 -27.01
N SER A 205 -26.08 15.61 -26.88
CA SER A 205 -25.38 14.36 -27.23
C SER A 205 -25.55 13.31 -26.14
N ASP A 206 -25.48 13.72 -24.87
CA ASP A 206 -25.48 12.84 -23.71
C ASP A 206 -24.23 11.97 -23.68
N ARG A 207 -23.93 11.40 -22.51
CA ARG A 207 -22.67 10.68 -22.29
C ARG A 207 -22.71 9.27 -22.89
N TYR A 208 -23.62 8.42 -22.42
CA TYR A 208 -23.68 7.05 -22.88
C TYR A 208 -24.80 6.79 -23.89
N ARG A 209 -25.73 7.72 -24.04
CA ARG A 209 -26.80 7.57 -25.02
C ARG A 209 -26.30 7.98 -26.40
N PHE A 210 -27.23 8.14 -27.34
CA PHE A 210 -26.99 8.39 -28.77
C PHE A 210 -26.37 7.19 -29.47
N CYS A 211 -26.15 6.08 -28.78
CA CYS A 211 -25.61 4.89 -29.40
C CYS A 211 -26.65 4.21 -30.28
N LYS A 212 -26.18 3.49 -31.29
CA LYS A 212 -27.09 2.82 -32.22
C LYS A 212 -27.85 1.68 -31.55
N GLU A 213 -27.21 0.96 -30.62
CA GLU A 213 -27.84 -0.18 -29.96
C GLU A 213 -28.31 0.16 -28.55
N ASP A 214 -28.47 1.45 -28.24
CA ASP A 214 -29.00 1.90 -26.95
C ASP A 214 -28.14 1.41 -25.79
N PHE A 215 -26.88 1.87 -25.77
CA PHE A 215 -25.96 1.55 -24.69
C PHE A 215 -26.09 2.58 -23.56
N ASP A 216 -27.31 2.68 -23.05
CA ASP A 216 -27.63 3.62 -21.98
C ASP A 216 -27.21 3.04 -20.63
N PHE A 217 -27.71 3.65 -19.56
CA PHE A 217 -27.56 3.14 -18.19
C PHE A 217 -26.11 3.17 -17.71
N MET A 218 -25.93 2.90 -16.41
CA MET A 218 -24.62 2.96 -15.77
C MET A 218 -24.14 1.55 -15.46
N TRP A 219 -22.82 1.43 -15.23
CA TRP A 219 -22.19 0.17 -14.86
C TRP A 219 -21.61 0.33 -13.46
N ILE A 220 -22.35 -0.12 -12.45
CA ILE A 220 -21.92 -0.05 -11.06
C ILE A 220 -21.48 -1.43 -10.60
N ARG A 221 -20.34 -1.48 -9.91
CA ARG A 221 -19.76 -2.75 -9.51
C ARG A 221 -20.61 -3.39 -8.41
N THR A 222 -21.00 -4.65 -8.64
CA THR A 222 -21.77 -5.42 -7.69
C THR A 222 -21.07 -6.75 -7.41
N THR A 223 -21.74 -7.60 -6.64
CA THR A 223 -21.19 -8.88 -6.21
C THR A 223 -21.60 -9.97 -7.20
N ASP A 224 -21.37 -11.23 -6.82
CA ASP A 224 -21.79 -12.36 -7.63
C ASP A 224 -23.30 -12.35 -7.84
N PHE A 225 -23.72 -12.13 -9.10
CA PHE A 225 -25.15 -12.11 -9.41
C PHE A 225 -25.77 -13.50 -9.34
N SER A 226 -24.97 -14.55 -9.56
CA SER A 226 -25.49 -15.91 -9.52
C SER A 226 -25.93 -16.27 -8.11
N GLY A 227 -27.06 -16.97 -8.01
CA GLY A 227 -27.51 -17.45 -6.72
C GLY A 227 -26.53 -18.44 -6.11
N SER A 228 -25.95 -19.30 -6.94
CA SER A 228 -24.91 -20.22 -6.48
C SER A 228 -23.58 -19.53 -6.27
N LYS A 229 -23.46 -18.25 -6.64
CA LYS A 229 -22.21 -17.49 -6.52
C LYS A 229 -21.08 -18.21 -7.27
N SER A 230 -21.39 -18.64 -8.49
CA SER A 230 -20.45 -19.42 -9.26
C SER A 230 -19.30 -18.57 -9.79
N ILE A 231 -19.52 -17.26 -9.97
CA ILE A 231 -18.45 -16.40 -10.47
C ILE A 231 -17.29 -16.36 -9.48
N GLY A 232 -17.61 -16.22 -8.19
CA GLY A 232 -16.56 -16.18 -7.19
C GLY A 232 -15.80 -17.49 -7.07
N THR A 233 -16.53 -18.59 -6.91
CA THR A 233 -15.92 -19.88 -6.64
C THR A 233 -15.33 -20.54 -7.87
N SER A 234 -15.16 -19.81 -8.96
CA SER A 234 -14.60 -20.33 -10.20
C SER A 234 -13.28 -19.64 -10.48
N THR A 235 -12.26 -20.44 -10.80
CA THR A 235 -10.95 -19.92 -11.16
C THR A 235 -10.73 -19.89 -12.67
N CYS A 236 -11.72 -20.29 -13.46
CA CYS A 236 -11.57 -20.38 -14.90
C CYS A 236 -12.90 -20.05 -15.57
N PHE A 237 -12.82 -19.46 -16.75
CA PHE A 237 -13.98 -19.15 -17.58
C PHE A 237 -13.88 -19.92 -18.88
N CYS A 238 -14.95 -20.60 -19.25
CA CYS A 238 -15.02 -21.37 -20.49
C CYS A 238 -15.98 -20.68 -21.44
N LEU A 239 -15.50 -20.39 -22.65
CA LEU A 239 -16.24 -19.61 -23.64
C LEU A 239 -16.58 -20.51 -24.82
N GLU A 240 -17.77 -21.11 -24.79
CA GLU A 240 -18.24 -21.97 -25.87
C GLU A 240 -18.65 -21.10 -27.05
N VAL A 241 -17.71 -20.85 -27.94
CA VAL A 241 -17.93 -20.01 -29.11
C VAL A 241 -18.44 -20.88 -30.26
N HIS A 242 -19.27 -20.27 -31.11
CA HIS A 242 -19.89 -21.02 -32.21
C HIS A 242 -18.88 -21.50 -33.23
N ASN A 243 -17.91 -20.65 -33.58
CA ASN A 243 -16.99 -20.93 -34.67
C ASN A 243 -15.56 -21.03 -34.14
N GLY A 244 -14.80 -21.97 -34.70
CA GLY A 244 -13.40 -22.12 -34.42
C GLY A 244 -12.47 -21.44 -35.41
N SER A 245 -13.00 -20.57 -36.26
CA SER A 245 -12.21 -19.79 -37.20
C SER A 245 -11.62 -18.53 -36.57
N THR A 246 -11.64 -18.44 -35.24
CA THR A 246 -11.20 -17.26 -34.51
C THR A 246 -9.83 -17.45 -33.88
N MET A 247 -8.92 -18.12 -34.59
CA MET A 247 -7.56 -18.31 -34.10
C MET A 247 -6.85 -16.97 -33.91
N LEU A 248 -7.12 -16.00 -34.79
CA LEU A 248 -6.48 -14.69 -34.67
C LEU A 248 -6.83 -14.04 -33.34
N ASP A 249 -8.10 -14.09 -32.94
CA ASP A 249 -8.48 -13.70 -31.60
C ASP A 249 -8.18 -14.84 -30.63
N ILE A 250 -8.30 -14.55 -29.33
CA ILE A 250 -7.99 -15.50 -28.28
C ILE A 250 -6.60 -16.08 -28.56
N PHE A 251 -5.63 -15.18 -28.74
CA PHE A 251 -4.30 -15.53 -29.21
C PHE A 251 -3.32 -14.73 -28.35
N SER A 252 -2.10 -14.53 -28.83
CA SER A 252 -1.09 -13.81 -28.06
C SER A 252 -1.58 -12.49 -27.49
N GLY A 253 -2.66 -11.93 -28.03
CA GLY A 253 -3.33 -10.83 -27.37
C GLY A 253 -3.83 -11.22 -25.98
N LEU A 254 -4.45 -12.38 -25.87
CA LEU A 254 -4.79 -12.94 -24.57
C LEU A 254 -3.55 -13.64 -24.00
N PRO A 255 -3.04 -13.20 -22.85
CA PRO A 255 -1.74 -13.72 -22.38
C PRO A 255 -1.79 -15.21 -22.11
N TYR A 256 -0.65 -15.87 -22.37
CA TYR A 256 -0.45 -17.29 -22.08
C TYR A 256 -1.48 -18.16 -22.81
N TYR A 257 -1.32 -18.21 -24.13
CA TYR A 257 -2.08 -19.10 -25.00
C TYR A 257 -1.20 -20.25 -25.45
N ARG A 258 -1.38 -21.43 -24.84
CA ARG A 258 -0.73 -22.62 -25.37
C ARG A 258 -1.41 -23.07 -26.66
N GLU A 259 -0.60 -23.53 -27.61
CA GLU A 259 -1.12 -24.06 -28.86
C GLU A 259 -1.62 -25.49 -28.73
N ASP A 260 -1.31 -26.17 -27.63
CA ASP A 260 -1.73 -27.56 -27.42
C ASP A 260 -3.19 -27.56 -27.00
N THR A 261 -4.09 -27.80 -27.95
CA THR A 261 -5.51 -27.89 -27.65
C THR A 261 -5.78 -29.10 -26.76
N LEU A 262 -6.60 -28.89 -25.73
CA LEU A 262 -6.96 -29.93 -24.79
C LEU A 262 -8.43 -30.29 -24.93
N SER A 263 -8.74 -31.57 -24.73
CA SER A 263 -10.12 -32.05 -24.77
C SER A 263 -10.74 -31.87 -23.39
N LEU A 264 -11.74 -31.01 -23.29
CA LEU A 264 -12.35 -30.65 -22.02
C LEU A 264 -13.76 -31.20 -21.95
N THR A 265 -14.05 -31.95 -20.89
CA THR A 265 -15.38 -32.50 -20.67
C THR A 265 -15.95 -31.90 -19.39
N TYR A 266 -17.23 -31.52 -19.45
CA TYR A 266 -17.88 -30.87 -18.33
C TYR A 266 -18.32 -31.88 -17.28
N VAL A 267 -18.27 -31.46 -16.02
CA VAL A 267 -18.74 -32.27 -14.90
C VAL A 267 -19.67 -31.42 -14.05
N ASP A 268 -20.46 -32.09 -13.22
CA ASP A 268 -21.48 -31.42 -12.41
C ASP A 268 -20.81 -30.62 -11.31
N GLY A 269 -21.04 -29.31 -11.30
CA GLY A 269 -20.50 -28.44 -10.28
C GLY A 269 -21.53 -28.00 -9.26
N LYS A 270 -22.67 -28.70 -9.21
CA LYS A 270 -23.72 -28.34 -8.27
C LYS A 270 -23.32 -28.58 -6.83
N THR A 271 -22.32 -29.43 -6.57
CA THR A 271 -21.90 -29.72 -5.21
C THR A 271 -21.00 -28.67 -4.60
N PHE A 272 -20.60 -27.65 -5.37
CA PHE A 272 -19.78 -26.56 -4.89
C PHE A 272 -20.54 -25.24 -4.87
N ALA A 273 -21.88 -25.31 -4.92
CA ALA A 273 -22.72 -24.11 -4.90
C ALA A 273 -22.93 -23.69 -3.46
N SER A 274 -22.58 -22.45 -3.15
CA SER A 274 -22.75 -21.88 -1.81
C SER A 274 -23.53 -20.58 -1.92
N ALA A 275 -24.56 -20.44 -1.11
CA ALA A 275 -25.37 -19.23 -1.06
C ALA A 275 -24.91 -18.25 0.00
N ALA A 276 -23.81 -18.55 0.69
CA ALA A 276 -23.31 -17.67 1.74
C ALA A 276 -22.69 -16.42 1.13
N GLN A 277 -23.21 -15.26 1.53
CA GLN A 277 -22.67 -14.00 1.02
C GLN A 277 -21.24 -13.74 1.47
N ILE A 278 -20.74 -14.48 2.46
CA ILE A 278 -19.36 -14.38 2.87
C ILE A 278 -18.63 -15.60 2.33
N VAL A 279 -17.32 -15.45 2.13
CA VAL A 279 -16.35 -16.51 1.81
C VAL A 279 -16.92 -17.54 0.86
N PRO A 280 -17.14 -17.20 -0.42
CA PRO A 280 -17.73 -18.16 -1.37
C PRO A 280 -16.76 -19.20 -1.90
N LEU A 281 -15.49 -19.18 -1.48
CA LEU A 281 -14.47 -20.04 -2.06
C LEU A 281 -13.86 -20.96 -1.00
N LEU A 282 -14.68 -21.50 -0.11
CA LEU A 282 -14.21 -22.37 0.95
C LEU A 282 -14.76 -23.78 0.79
N ASN A 283 -14.13 -24.72 1.49
CA ASN A 283 -14.60 -26.09 1.48
C ASN A 283 -15.89 -26.22 2.29
N ALA A 284 -16.66 -27.24 1.96
CA ALA A 284 -17.95 -27.45 2.61
C ALA A 284 -17.76 -28.09 3.99
N ALA A 285 -18.88 -28.42 4.63
CA ALA A 285 -18.85 -29.05 5.95
C ALA A 285 -18.89 -30.58 5.79
N ILE A 286 -17.78 -31.10 5.30
CA ILE A 286 -17.64 -32.54 5.04
C ILE A 286 -16.47 -33.07 5.85
N LEU A 287 -16.18 -32.43 6.98
CA LEU A 287 -15.05 -32.79 7.83
C LEU A 287 -15.57 -33.23 9.19
N GLY A 288 -15.05 -34.36 9.68
CA GLY A 288 -15.49 -34.90 10.96
C GLY A 288 -14.95 -34.14 12.16
N LEU A 289 -13.63 -34.20 12.35
CA LEU A 289 -12.99 -33.48 13.45
C LEU A 289 -11.66 -32.87 13.01
N GLU A 290 -11.50 -32.60 11.72
CA GLU A 290 -10.24 -32.08 11.20
C GLU A 290 -9.99 -30.67 11.73
N PHE A 291 -8.72 -30.37 12.01
CA PHE A 291 -8.36 -29.06 12.54
C PHE A 291 -8.39 -28.02 11.43
N PRO A 292 -9.18 -26.95 11.57
CA PRO A 292 -9.30 -25.99 10.47
C PRO A 292 -8.21 -24.92 10.49
N TYR A 293 -7.62 -24.68 11.66
CA TYR A 293 -6.58 -23.66 11.76
C TYR A 293 -5.27 -24.06 11.09
N GLU A 294 -5.14 -25.33 10.68
CA GLU A 294 -3.87 -25.81 10.15
C GLU A 294 -3.99 -26.65 8.89
N ILE A 295 -5.20 -27.06 8.48
CA ILE A 295 -5.43 -27.71 7.18
C ILE A 295 -6.47 -26.96 6.37
N LEU A 296 -7.66 -26.77 6.92
CA LEU A 296 -8.74 -26.17 6.16
C LEU A 296 -8.39 -24.76 5.70
N PHE A 297 -7.77 -23.97 6.57
CA PHE A 297 -7.26 -22.68 6.13
C PHE A 297 -6.17 -22.84 5.09
N GLN A 298 -5.27 -23.81 5.28
CA GLN A 298 -4.20 -24.04 4.32
C GLN A 298 -4.74 -24.64 3.03
N LEU A 299 -5.71 -25.56 3.12
CA LEU A 299 -6.31 -26.11 1.90
C LEU A 299 -7.08 -25.04 1.15
N ASN A 300 -7.84 -24.21 1.86
CA ASN A 300 -8.53 -23.10 1.21
C ASN A 300 -7.54 -22.08 0.66
N ALA A 301 -6.40 -21.90 1.35
CA ALA A 301 -5.36 -21.04 0.82
C ALA A 301 -4.82 -21.59 -0.50
N LEU A 302 -4.63 -22.90 -0.58
CA LEU A 302 -4.21 -23.52 -1.82
C LEU A 302 -5.25 -23.32 -2.92
N VAL A 303 -6.53 -23.49 -2.58
CA VAL A 303 -7.59 -23.33 -3.57
C VAL A 303 -7.62 -21.89 -4.09
N HIS A 304 -7.52 -20.91 -3.18
CA HIS A 304 -7.55 -19.51 -3.59
C HIS A 304 -6.32 -19.14 -4.41
N ALA A 305 -5.15 -19.63 -4.01
CA ALA A 305 -3.95 -19.47 -4.81
C ALA A 305 -3.99 -20.30 -6.07
N GLN A 306 -4.99 -21.17 -6.21
CA GLN A 306 -5.16 -22.02 -7.39
C GLN A 306 -4.00 -23.01 -7.55
N LYS A 307 -3.35 -23.32 -6.43
CA LYS A 307 -2.31 -24.34 -6.46
C LYS A 307 -2.93 -25.73 -6.57
N ILE A 308 -4.12 -25.91 -5.98
CA ILE A 308 -4.97 -27.06 -6.22
C ILE A 308 -6.39 -26.55 -6.44
N SER A 309 -7.22 -27.41 -7.03
CA SER A 309 -8.59 -27.03 -7.34
C SER A 309 -9.48 -27.20 -6.11
N LEU A 310 -10.72 -26.71 -6.23
CA LEU A 310 -11.66 -26.84 -5.12
C LEU A 310 -12.05 -28.30 -4.90
N PHE A 311 -12.30 -29.04 -5.98
CA PHE A 311 -12.55 -30.47 -5.85
C PHE A 311 -11.30 -31.23 -5.46
N ALA A 312 -10.12 -30.65 -5.70
CA ALA A 312 -8.89 -31.25 -5.22
C ALA A 312 -8.82 -31.26 -3.71
N ALA A 313 -9.43 -30.28 -3.05
CA ALA A 313 -9.45 -30.22 -1.60
C ALA A 313 -10.70 -30.85 -1.00
N SER A 314 -11.81 -30.83 -1.74
CA SER A 314 -13.06 -31.40 -1.23
C SER A 314 -13.19 -32.89 -1.51
N ASP A 315 -12.22 -33.50 -2.18
CA ASP A 315 -12.28 -34.93 -2.43
C ASP A 315 -12.01 -35.72 -1.15
N MET A 316 -12.52 -36.96 -1.12
CA MET A 316 -12.35 -37.78 0.07
C MET A 316 -10.91 -38.23 0.26
N GLU A 317 -10.18 -38.47 -0.83
CA GLU A 317 -8.84 -39.05 -0.72
C GLU A 317 -7.87 -38.11 -0.01
N LEU A 318 -7.78 -36.86 -0.48
CA LEU A 318 -6.85 -35.92 0.13
C LEU A 318 -7.24 -35.59 1.56
N ILE A 319 -8.54 -35.45 1.81
CA ILE A 319 -9.01 -35.16 3.17
C ILE A 319 -8.63 -36.29 4.11
N LYS A 320 -8.83 -37.54 3.68
CA LYS A 320 -8.53 -38.67 4.54
C LYS A 320 -7.02 -38.82 4.74
N ILE A 321 -6.22 -38.54 3.71
CA ILE A 321 -4.78 -38.68 3.86
C ILE A 321 -4.24 -37.60 4.80
N LEU A 322 -4.74 -36.37 4.69
CA LEU A 322 -4.30 -35.31 5.58
C LEU A 322 -4.81 -35.52 7.01
N ARG A 323 -5.98 -36.15 7.15
CA ARG A 323 -6.51 -36.45 8.47
C ARG A 323 -5.70 -37.55 9.15
N GLY A 324 -5.29 -38.55 8.39
CA GLY A 324 -4.55 -39.66 8.98
C GLY A 324 -3.13 -39.29 9.40
N MET A 325 -2.52 -38.34 8.70
CA MET A 325 -1.12 -38.04 8.94
C MET A 325 -0.97 -36.94 10.00
N SER A 326 0.27 -36.72 10.42
CA SER A 326 0.58 -35.77 11.48
C SER A 326 0.38 -34.34 10.99
N LEU A 327 0.11 -33.44 11.94
CA LEU A 327 -0.24 -32.07 11.59
C LEU A 327 0.98 -31.25 11.16
N GLU A 328 2.12 -31.42 11.81
CA GLU A 328 3.31 -30.67 11.42
C GLU A 328 3.78 -31.06 10.03
N THR A 329 3.85 -32.37 9.76
CA THR A 329 4.16 -32.83 8.42
C THR A 329 3.10 -32.37 7.43
N ALA A 330 1.85 -32.24 7.87
CA ALA A 330 0.79 -31.74 7.00
C ALA A 330 1.05 -30.28 6.62
N LEU A 331 1.45 -29.45 7.59
CA LEU A 331 1.81 -28.08 7.27
C LEU A 331 2.97 -28.02 6.30
N VAL A 332 4.00 -28.85 6.54
CA VAL A 332 5.16 -28.85 5.65
C VAL A 332 4.75 -29.25 4.23
N ILE A 333 3.93 -30.31 4.12
CA ILE A 333 3.58 -30.83 2.81
C ILE A 333 2.65 -29.86 2.07
N LEU A 334 1.74 -29.20 2.80
CA LEU A 334 0.87 -28.22 2.16
C LEU A 334 1.64 -26.97 1.75
N LYS A 335 2.63 -26.57 2.54
CA LYS A 335 3.48 -25.46 2.13
C LYS A 335 4.26 -25.81 0.86
N LYS A 336 4.81 -27.03 0.79
CA LYS A 336 5.54 -27.44 -0.40
C LYS A 336 4.60 -27.55 -1.60
N LEU A 337 3.34 -27.94 -1.35
CA LEU A 337 2.34 -27.94 -2.40
C LEU A 337 2.07 -26.53 -2.91
N HIS A 338 2.02 -25.56 -1.99
CA HIS A 338 1.86 -24.16 -2.36
C HIS A 338 3.11 -23.60 -3.05
N GLN A 339 4.25 -24.27 -2.90
CA GLN A 339 5.50 -23.72 -3.44
C GLN A 339 5.48 -23.65 -4.96
N GLN A 340 5.12 -24.75 -5.63
CA GLN A 340 5.26 -24.81 -7.08
C GLN A 340 4.27 -23.90 -7.77
N SER A 341 4.72 -23.25 -8.85
CA SER A 341 3.94 -22.22 -9.53
C SER A 341 2.79 -22.77 -10.36
N SER A 342 2.79 -24.07 -10.67
CA SER A 342 1.74 -24.64 -11.49
C SER A 342 0.57 -25.12 -10.63
N ILE A 343 -0.53 -25.45 -11.29
CA ILE A 343 -1.72 -25.97 -10.62
C ILE A 343 -1.54 -27.47 -10.46
N CYS A 344 -1.51 -27.94 -9.22
CA CYS A 344 -1.30 -29.36 -8.93
C CYS A 344 -2.62 -30.09 -9.15
N TYR A 345 -2.78 -30.65 -10.35
CA TYR A 345 -4.00 -31.39 -10.67
C TYR A 345 -4.07 -32.75 -9.98
N ASP A 346 -3.00 -33.18 -9.30
CA ASP A 346 -3.01 -34.41 -8.53
C ASP A 346 -2.46 -34.14 -7.14
N PRO A 347 -3.19 -33.39 -6.30
CA PRO A 347 -2.73 -33.17 -4.93
C PRO A 347 -2.64 -34.46 -4.13
N VAL A 348 -3.49 -35.44 -4.40
CA VAL A 348 -3.36 -36.74 -3.75
C VAL A 348 -2.03 -37.39 -4.13
N PHE A 349 -1.68 -37.33 -5.42
CA PHE A 349 -0.43 -37.90 -5.87
C PHE A 349 0.76 -37.15 -5.28
N PHE A 350 0.71 -35.81 -5.27
CA PHE A 350 1.79 -35.04 -4.68
C PHE A 350 1.96 -35.36 -3.20
N VAL A 351 0.84 -35.45 -2.48
CA VAL A 351 0.88 -35.74 -1.05
C VAL A 351 1.44 -37.14 -0.80
N LYS A 352 1.00 -38.12 -1.60
CA LYS A 352 1.50 -39.48 -1.44
C LYS A 352 2.99 -39.57 -1.75
N THR A 353 3.45 -38.84 -2.77
CA THR A 353 4.87 -38.85 -3.10
C THR A 353 5.70 -38.23 -1.99
N GLN A 354 5.24 -37.10 -1.42
CA GLN A 354 5.96 -36.51 -0.31
C GLN A 354 5.82 -37.33 0.97
N MET A 355 4.79 -38.17 1.07
CA MET A 355 4.66 -39.08 2.20
C MET A 355 5.66 -40.22 2.11
N GLN A 356 5.64 -40.97 1.00
CA GLN A 356 6.58 -42.06 0.81
C GLN A 356 8.02 -41.55 0.78
N SER A 357 8.27 -40.47 0.03
CA SER A 357 9.59 -39.85 0.00
C SER A 357 9.66 -38.70 1.01
N VAL A 358 9.38 -39.05 2.27
CA VAL A 358 9.35 -38.05 3.33
C VAL A 358 10.75 -37.51 3.61
N VAL A 359 11.76 -38.39 3.55
CA VAL A 359 13.14 -38.05 3.91
C VAL A 359 13.13 -37.44 5.31
N LYS A 360 12.86 -38.27 6.31
CA LYS A 360 12.74 -37.79 7.68
C LYS A 360 14.11 -37.39 8.25
N SER A 368 11.08 -23.49 17.52
CA SER A 368 10.96 -23.35 18.97
C SER A 368 9.51 -23.51 19.41
N ALA A 369 8.85 -22.39 19.69
CA ALA A 369 7.46 -22.39 20.13
C ALA A 369 6.68 -21.33 19.37
N TYR A 370 5.36 -21.55 19.27
CA TYR A 370 4.50 -20.61 18.57
C TYR A 370 4.42 -19.27 19.28
N LYS A 371 4.72 -19.21 20.57
CA LYS A 371 4.67 -17.96 21.32
C LYS A 371 5.97 -17.19 21.15
N ARG A 372 6.38 -16.98 19.89
CA ARG A 372 7.56 -16.16 19.61
C ARG A 372 7.24 -14.68 19.59
N LEU A 373 5.96 -14.31 19.52
CA LEU A 373 5.58 -12.90 19.58
C LEU A 373 5.76 -12.30 20.96
N THR A 374 5.74 -13.12 22.01
CA THR A 374 6.04 -12.61 23.34
C THR A 374 7.51 -12.25 23.51
N GLU A 375 8.38 -12.79 22.66
CA GLU A 375 9.81 -12.51 22.71
C GLU A 375 10.31 -11.75 21.50
N GLN A 376 10.05 -12.26 20.30
CA GLN A 376 10.53 -11.64 19.07
C GLN A 376 9.52 -10.68 18.46
N ASN A 377 8.34 -10.54 19.06
CA ASN A 377 7.32 -9.58 18.61
C ASN A 377 6.88 -9.85 17.18
N ILE A 378 6.78 -11.12 16.80
CA ILE A 378 6.34 -11.53 15.46
C ILE A 378 5.28 -12.61 15.60
N MET A 379 4.16 -12.44 14.91
CA MET A 379 3.07 -13.40 14.93
C MET A 379 2.99 -14.10 13.58
N SER A 380 2.35 -15.27 13.57
CA SER A 380 2.06 -15.99 12.35
C SER A 380 0.58 -15.73 12.02
N CYS A 381 0.32 -14.59 11.40
CA CYS A 381 -1.05 -14.17 11.12
C CYS A 381 -1.57 -14.81 9.85
N GLN A 382 -2.83 -15.23 9.89
CA GLN A 382 -3.52 -15.77 8.72
C GLN A 382 -4.39 -14.67 8.13
N ARG A 383 -3.86 -13.96 7.15
CA ARG A 383 -4.57 -12.84 6.53
C ARG A 383 -5.53 -13.35 5.46
N ALA A 384 -6.52 -12.52 5.15
CA ALA A 384 -7.55 -12.86 4.18
C ALA A 384 -7.91 -11.62 3.39
N TYR A 385 -7.66 -11.64 2.09
CA TYR A 385 -8.06 -10.54 1.20
C TYR A 385 -9.46 -10.85 0.67
N VAL A 386 -10.45 -10.12 1.19
CA VAL A 386 -11.84 -10.28 0.77
C VAL A 386 -12.04 -9.40 -0.45
N THR A 387 -12.07 -10.01 -1.63
CA THR A 387 -12.28 -9.28 -2.86
C THR A 387 -13.75 -8.90 -2.97
N PRO A 388 -14.14 -8.21 -4.04
CA PRO A 388 -15.56 -7.85 -4.19
C PRO A 388 -16.47 -9.05 -4.29
N SER A 389 -15.96 -10.23 -4.71
CA SER A 389 -16.81 -11.40 -4.86
C SER A 389 -16.13 -12.70 -4.44
N LYS A 390 -14.93 -12.65 -3.85
CA LYS A 390 -14.21 -13.87 -3.52
C LYS A 390 -13.39 -13.66 -2.25
N ILE A 391 -13.05 -14.77 -1.62
CA ILE A 391 -12.20 -14.80 -0.44
C ILE A 391 -10.83 -15.34 -0.84
N TYR A 392 -9.77 -14.72 -0.31
CA TYR A 392 -8.40 -15.13 -0.58
C TYR A 392 -7.64 -15.29 0.74
N LEU A 393 -7.74 -16.47 1.35
CA LEU A 393 -6.91 -16.77 2.50
C LEU A 393 -5.47 -16.96 2.06
N LEU A 394 -4.52 -16.53 2.91
CA LEU A 394 -3.11 -16.56 2.56
C LEU A 394 -2.25 -17.25 3.61
N GLY A 395 -2.84 -18.13 4.42
CA GLY A 395 -2.09 -18.91 5.38
C GLY A 395 -1.37 -18.06 6.41
N PRO A 396 -0.63 -18.71 7.30
CA PRO A 396 0.13 -17.98 8.31
C PRO A 396 1.30 -17.22 7.69
N GLU A 397 1.32 -15.91 7.89
CA GLU A 397 2.38 -15.05 7.40
C GLU A 397 2.98 -14.27 8.57
N LEU A 398 4.29 -14.08 8.54
CA LEU A 398 5.00 -13.44 9.65
C LEU A 398 4.96 -11.93 9.50
N GLU A 399 4.30 -11.25 10.43
CA GLU A 399 4.34 -9.79 10.51
C GLU A 399 4.54 -9.39 11.96
N THR A 400 4.92 -8.14 12.16
CA THR A 400 5.19 -7.63 13.51
C THR A 400 3.95 -7.73 14.38
N ALA A 401 4.10 -8.31 15.56
CA ALA A 401 2.98 -8.53 16.46
C ALA A 401 2.52 -7.22 17.10
N ASN A 402 1.23 -7.13 17.38
CA ASN A 402 0.65 -6.00 18.08
C ASN A 402 0.30 -6.40 19.51
N TYR A 403 -0.18 -5.43 20.28
CA TYR A 403 -0.45 -5.65 21.70
C TYR A 403 -1.52 -6.71 21.92
N VAL A 404 -2.53 -6.75 21.04
CA VAL A 404 -3.65 -7.66 21.25
C VAL A 404 -3.20 -9.12 21.16
N VAL A 405 -2.44 -9.45 20.10
CA VAL A 405 -1.92 -10.81 20.01
C VAL A 405 -0.85 -11.04 21.06
N LYS A 406 -0.12 -9.98 21.44
CA LYS A 406 0.86 -10.10 22.51
C LYS A 406 0.19 -10.61 23.79
N ASN A 407 -1.02 -10.13 24.07
CA ASN A 407 -1.75 -10.61 25.23
C ASN A 407 -2.39 -11.97 24.99
N PHE A 408 -2.97 -12.19 23.81
CA PHE A 408 -3.77 -13.38 23.53
C PHE A 408 -3.06 -14.37 22.61
N ALA A 409 -1.75 -14.51 22.78
CA ALA A 409 -0.99 -15.51 22.03
C ALA A 409 -1.53 -16.92 22.19
N GLU A 410 -2.24 -17.21 23.28
CA GLU A 410 -2.82 -18.54 23.45
C GLU A 410 -3.80 -18.87 22.34
N HIS A 411 -4.36 -17.86 21.67
CA HIS A 411 -5.28 -18.02 20.55
C HIS A 411 -4.84 -17.18 19.36
N VAL A 412 -3.53 -17.23 19.05
CA VAL A 412 -3.03 -16.48 17.91
C VAL A 412 -3.54 -17.06 16.60
N SER A 413 -3.81 -18.36 16.57
CA SER A 413 -4.38 -19.00 15.39
C SER A 413 -5.85 -18.65 15.18
N ASP A 414 -6.48 -17.99 16.15
CA ASP A 414 -7.88 -17.58 16.02
C ASP A 414 -8.02 -16.16 15.51
N PHE A 415 -6.92 -15.47 15.23
CA PHE A 415 -6.98 -14.15 14.62
C PHE A 415 -7.02 -14.28 13.11
N MET A 416 -7.39 -13.18 12.45
CA MET A 416 -7.41 -13.15 10.99
C MET A 416 -7.41 -11.70 10.54
N ARG A 417 -6.34 -11.29 9.86
CA ARG A 417 -6.22 -9.93 9.34
C ARG A 417 -6.98 -9.86 8.03
N VAL A 418 -8.25 -9.47 8.11
CA VAL A 418 -9.12 -9.42 6.94
C VAL A 418 -8.92 -8.09 6.23
N THR A 419 -8.53 -8.16 4.96
CA THR A 419 -8.36 -6.99 4.12
C THR A 419 -9.38 -7.05 2.98
N PHE A 420 -9.94 -5.89 2.64
CA PHE A 420 -10.94 -5.79 1.58
C PHE A 420 -10.29 -5.19 0.35
N VAL A 421 -10.19 -5.98 -0.71
CA VAL A 421 -9.52 -5.58 -1.94
C VAL A 421 -10.51 -5.57 -3.09
N GLU A 422 -10.04 -5.25 -4.30
CA GLU A 422 -10.90 -5.01 -5.46
C GLU A 422 -10.70 -6.07 -6.53
N GLU A 423 -10.67 -7.34 -6.13
CA GLU A 423 -10.53 -8.51 -6.99
C GLU A 423 -9.15 -8.62 -7.61
N ASP A 424 -8.26 -7.65 -7.39
CA ASP A 424 -6.90 -7.69 -7.93
C ASP A 424 -5.87 -7.48 -6.84
N TRP A 425 -6.23 -7.72 -5.57
CA TRP A 425 -5.41 -7.41 -4.41
C TRP A 425 -5.07 -5.92 -4.34
N SER A 426 -5.82 -5.09 -5.06
CA SER A 426 -5.63 -3.65 -5.08
C SER A 426 -6.64 -2.97 -4.17
N LYS A 427 -6.41 -1.67 -3.94
CA LYS A 427 -7.32 -0.89 -3.10
C LYS A 427 -8.71 -0.83 -3.70
N LEU A 428 -9.71 -0.97 -2.85
CA LEU A 428 -11.10 -0.90 -3.30
C LEU A 428 -11.42 0.51 -3.78
N PRO A 429 -11.83 0.70 -5.02
CA PRO A 429 -12.20 2.03 -5.49
C PRO A 429 -13.46 2.53 -4.80
N ALA A 430 -13.56 3.85 -4.67
CA ALA A 430 -14.79 4.45 -4.16
C ALA A 430 -15.95 4.18 -5.10
N ASN A 431 -15.70 4.06 -6.40
CA ASN A 431 -16.76 3.76 -7.35
C ASN A 431 -17.32 2.36 -7.11
N ALA A 432 -16.46 1.42 -6.70
CA ALA A 432 -16.92 0.06 -6.45
C ALA A 432 -17.92 0.01 -5.29
N LEU A 433 -17.68 0.78 -4.25
CA LEU A 433 -18.52 0.76 -3.05
C LEU A 433 -19.57 1.86 -3.02
N SER A 434 -19.55 2.78 -3.99
CA SER A 434 -20.54 3.85 -4.02
C SER A 434 -20.67 4.36 -5.45
N VAL A 435 -21.90 4.68 -5.84
CA VAL A 435 -22.15 5.18 -7.20
C VAL A 435 -21.55 6.57 -7.37
N ASN A 436 -21.61 7.39 -6.33
CA ASN A 436 -21.12 8.77 -6.37
C ASN A 436 -21.73 9.55 -7.53
N GLY A 440 -26.16 10.91 -12.59
CA GLY A 440 -26.11 12.14 -13.36
C GLY A 440 -27.03 13.21 -12.83
N PHE A 442 -25.15 11.07 -9.47
CA PHE A 442 -26.51 10.63 -9.17
C PHE A 442 -27.17 11.56 -8.15
N VAL A 443 -28.49 11.47 -8.04
CA VAL A 443 -29.22 12.30 -7.08
C VAL A 443 -28.81 11.96 -5.65
N LYS A 444 -28.71 10.67 -5.35
CA LYS A 444 -28.34 10.22 -4.01
C LYS A 444 -27.17 9.24 -4.10
N PRO A 445 -26.17 9.39 -3.24
CA PRO A 445 -25.04 8.45 -3.26
C PRO A 445 -25.44 7.06 -2.76
N SER A 446 -26.15 6.31 -3.59
CA SER A 446 -26.59 4.98 -3.21
C SER A 446 -25.40 4.01 -3.21
N ARG A 447 -25.14 3.40 -2.06
CA ARG A 447 -24.05 2.44 -1.95
C ARG A 447 -24.33 1.23 -2.82
N THR A 448 -23.28 0.71 -3.46
CA THR A 448 -23.41 -0.43 -4.36
C THR A 448 -23.46 -1.71 -3.54
N ASN A 449 -23.44 -2.86 -4.22
CA ASN A 449 -23.51 -4.14 -3.53
C ASN A 449 -22.20 -4.49 -2.83
N ILE A 450 -21.09 -3.87 -3.22
CA ILE A 450 -19.81 -4.16 -2.58
C ILE A 450 -19.81 -3.63 -1.14
N TYR A 451 -20.35 -2.42 -0.94
CA TYR A 451 -20.44 -1.87 0.41
C TYR A 451 -21.34 -2.72 1.29
N ASN A 452 -22.48 -3.16 0.76
CA ASN A 452 -23.38 -4.01 1.51
C ASN A 452 -22.70 -5.35 1.83
N ARG A 453 -21.94 -5.89 0.88
CA ARG A 453 -21.21 -7.12 1.14
C ARG A 453 -20.19 -6.94 2.25
N VAL A 454 -19.45 -5.83 2.24
CA VAL A 454 -18.45 -5.59 3.28
C VAL A 454 -19.12 -5.45 4.64
N LEU A 455 -20.24 -4.72 4.69
CA LEU A 455 -20.97 -4.59 5.96
C LEU A 455 -21.48 -5.94 6.44
N SER A 456 -22.01 -6.76 5.54
CA SER A 456 -22.50 -8.08 5.92
C SER A 456 -21.38 -8.99 6.40
N ILE A 457 -20.19 -8.88 5.78
CA ILE A 457 -19.06 -9.70 6.21
C ILE A 457 -18.55 -9.23 7.57
N LEU A 458 -18.49 -7.92 7.79
CA LEU A 458 -18.09 -7.40 9.08
C LEU A 458 -19.08 -7.80 10.18
N GLY A 459 -20.36 -7.91 9.83
CA GLY A 459 -21.36 -8.33 10.80
C GLY A 459 -21.37 -9.82 11.07
N GLU A 460 -21.66 -10.62 10.05
CA GLU A 460 -21.78 -12.06 10.21
C GLU A 460 -20.44 -12.78 10.29
N GLY A 461 -19.36 -12.13 9.87
CA GLY A 461 -18.03 -12.68 10.02
C GLY A 461 -17.66 -13.67 8.93
N ILE A 462 -16.41 -14.11 9.00
CA ILE A 462 -15.85 -15.08 8.07
C ILE A 462 -15.80 -16.44 8.77
N THR A 463 -16.35 -17.46 8.11
CA THR A 463 -16.48 -18.80 8.70
C THR A 463 -15.64 -19.78 7.89
N VAL A 464 -14.38 -19.93 8.28
CA VAL A 464 -13.49 -20.92 7.68
C VAL A 464 -13.65 -22.19 8.52
N GLY A 465 -14.64 -23.00 8.17
CA GLY A 465 -14.94 -24.20 8.90
C GLY A 465 -15.52 -23.91 10.27
N PRO A 466 -15.08 -24.66 11.28
CA PRO A 466 -15.58 -24.41 12.65
C PRO A 466 -15.26 -23.01 13.16
N LYS A 467 -14.12 -22.44 12.77
CA LYS A 467 -13.73 -21.12 13.26
C LYS A 467 -14.48 -20.04 12.49
N ARG A 468 -15.22 -19.22 13.21
CA ARG A 468 -15.96 -18.10 12.63
C ARG A 468 -15.30 -16.80 13.08
N PHE A 469 -14.66 -16.11 12.14
CA PHE A 469 -13.90 -14.90 12.44
C PHE A 469 -14.82 -13.70 12.32
N GLU A 470 -15.14 -13.09 13.46
CA GLU A 470 -16.00 -11.92 13.51
C GLU A 470 -15.21 -10.69 13.95
N PHE A 471 -15.63 -9.53 13.46
CA PHE A 471 -14.89 -8.29 13.64
C PHE A 471 -14.72 -7.97 15.11
N LEU A 472 -13.51 -7.54 15.48
CA LEU A 472 -13.20 -7.08 16.83
C LEU A 472 -12.84 -5.61 16.87
N ALA A 473 -11.90 -5.16 16.04
CA ALA A 473 -11.45 -3.77 15.97
C ALA A 473 -10.44 -3.65 14.85
N PHE A 474 -10.23 -2.42 14.40
CA PHE A 474 -9.26 -2.12 13.35
C PHE A 474 -8.38 -0.95 13.78
N SER A 475 -7.22 -0.86 13.14
CA SER A 475 -6.26 0.22 13.40
C SER A 475 -6.49 1.36 12.41
N ALA A 476 -5.89 2.52 12.75
CA ALA A 476 -5.96 3.66 11.85
C ALA A 476 -5.26 3.37 10.54
N SER A 477 -4.07 2.78 10.60
CA SER A 477 -3.39 2.32 9.39
C SER A 477 -4.20 1.22 8.71
N GLN A 478 -4.81 0.34 9.50
CA GLN A 478 -5.69 -0.67 8.94
C GLN A 478 -6.89 -0.04 8.26
N LEU A 479 -7.43 1.02 8.85
CA LEU A 479 -8.49 1.78 8.19
C LEU A 479 -8.01 2.34 6.85
N ARG A 480 -6.80 2.92 6.84
CA ARG A 480 -6.23 3.39 5.59
C ARG A 480 -5.95 2.24 4.64
N GLY A 481 -5.43 1.13 5.16
CA GLY A 481 -5.19 -0.05 4.36
C GLY A 481 -6.38 -0.96 4.16
N ASN A 482 -7.54 -0.58 4.67
CA ASN A 482 -8.78 -1.35 4.56
C ASN A 482 -8.60 -2.76 5.10
N SER A 483 -8.04 -2.85 6.31
CA SER A 483 -7.77 -4.11 6.98
C SER A 483 -8.57 -4.18 8.28
N VAL A 484 -9.11 -5.36 8.56
CA VAL A 484 -9.96 -5.58 9.73
C VAL A 484 -9.50 -6.86 10.43
N TRP A 485 -9.31 -6.77 11.74
CA TRP A 485 -9.07 -7.97 12.54
C TRP A 485 -10.37 -8.68 12.84
N MET A 486 -10.34 -10.00 12.80
CA MET A 486 -11.49 -10.82 13.18
C MET A 486 -11.01 -11.97 14.05
N PHE A 487 -11.75 -12.24 15.12
CA PHE A 487 -11.41 -13.28 16.09
C PHE A 487 -12.39 -14.44 15.99
N ALA A 488 -11.87 -15.65 15.90
CA ALA A 488 -12.70 -16.84 16.02
C ALA A 488 -13.15 -17.00 17.46
N SER A 489 -14.45 -17.23 17.66
CA SER A 489 -15.02 -17.32 19.00
C SER A 489 -14.63 -18.66 19.61
N ASN A 490 -13.44 -18.70 20.19
CA ASN A 490 -12.96 -19.89 20.86
C ASN A 490 -13.73 -20.09 22.17
N GLU A 491 -13.79 -21.35 22.61
CA GLU A 491 -14.51 -21.67 23.85
C GLU A 491 -13.87 -21.00 25.06
N LYS A 492 -12.54 -20.84 25.04
CA LYS A 492 -11.87 -20.22 26.18
C LYS A 492 -12.20 -18.74 26.29
N VAL A 493 -12.10 -18.00 25.19
CA VAL A 493 -12.45 -16.58 25.18
C VAL A 493 -13.23 -16.29 23.89
N LYS A 494 -14.32 -15.54 24.04
CA LYS A 494 -15.13 -15.13 22.91
C LYS A 494 -14.54 -13.89 22.25
N ALA A 495 -14.99 -13.62 21.02
CA ALA A 495 -14.54 -12.43 20.31
C ALA A 495 -15.07 -11.14 20.92
N GLU A 496 -16.08 -11.21 21.79
CA GLU A 496 -16.59 -10.04 22.48
C GLU A 496 -15.81 -9.73 23.75
N ASP A 497 -15.28 -10.75 24.42
CA ASP A 497 -14.53 -10.52 25.65
C ASP A 497 -13.22 -9.80 25.37
N ILE A 498 -12.60 -10.05 24.22
CA ILE A 498 -11.41 -9.29 23.84
C ILE A 498 -11.77 -7.83 23.59
N ARG A 499 -12.96 -7.56 23.05
CA ARG A 499 -13.43 -6.19 22.90
C ARG A 499 -13.65 -5.55 24.26
N GLU A 500 -14.10 -6.34 25.24
CA GLU A 500 -14.21 -5.84 26.60
C GLU A 500 -12.84 -5.52 27.19
N TRP A 501 -11.84 -6.34 26.87
CA TRP A 501 -10.48 -6.07 27.35
C TRP A 501 -9.95 -4.77 26.76
N MET A 502 -10.14 -4.57 25.45
CA MET A 502 -9.57 -3.40 24.79
C MET A 502 -10.22 -2.09 25.20
N GLY A 503 -11.33 -2.14 25.93
CA GLY A 503 -11.99 -0.92 26.37
C GLY A 503 -12.95 -0.31 25.38
N CYS A 504 -13.13 -0.92 24.22
CA CYS A 504 -14.12 -0.47 23.25
C CYS A 504 -15.46 -1.14 23.51
N PHE A 505 -16.53 -0.50 23.04
CA PHE A 505 -17.90 -1.00 23.17
C PHE A 505 -18.33 -1.13 24.63
N ARG A 506 -17.59 -0.52 25.55
CA ARG A 506 -17.93 -0.59 26.97
C ARG A 506 -18.74 0.63 27.41
N LYS A 507 -18.15 1.82 27.29
CA LYS A 507 -18.85 3.05 27.62
C LYS A 507 -18.59 4.16 26.61
N ILE A 508 -17.92 3.87 25.50
CA ILE A 508 -17.65 4.89 24.49
C ILE A 508 -18.96 5.41 23.92
N ARG A 509 -19.00 6.70 23.62
CA ARG A 509 -20.22 7.36 23.16
C ARG A 509 -20.15 7.82 21.72
N SER A 510 -18.96 8.10 21.19
CA SER A 510 -18.80 8.59 19.83
C SER A 510 -18.01 7.58 19.00
N ILE A 511 -18.36 7.49 17.71
CA ILE A 511 -17.71 6.55 16.82
C ILE A 511 -16.25 6.94 16.60
N SER A 512 -15.97 8.24 16.54
CA SER A 512 -14.60 8.70 16.30
C SER A 512 -13.67 8.24 17.42
N LYS A 513 -14.05 8.51 18.67
CA LYS A 513 -13.20 8.10 19.79
C LYS A 513 -13.20 6.58 19.96
N CYS A 514 -14.28 5.91 19.55
CA CYS A 514 -14.27 4.45 19.54
C CYS A 514 -13.21 3.90 18.59
N ALA A 515 -13.15 4.47 17.38
CA ALA A 515 -12.14 4.05 16.42
C ALA A 515 -10.74 4.41 16.91
N ALA A 516 -10.59 5.57 17.52
CA ALA A 516 -9.29 5.95 18.06
C ALA A 516 -8.83 5.00 19.15
N ARG A 517 -9.73 4.62 20.07
CA ARG A 517 -9.38 3.67 21.12
C ARG A 517 -9.07 2.30 20.54
N MET A 518 -9.83 1.87 19.53
CA MET A 518 -9.54 0.59 18.90
C MET A 518 -8.18 0.58 18.24
N GLY A 519 -7.83 1.66 17.53
CA GLY A 519 -6.55 1.73 16.85
C GLY A 519 -5.37 1.99 17.75
N GLN A 520 -5.59 2.55 18.94
CA GLN A 520 -4.48 2.86 19.83
C GLN A 520 -3.79 1.59 20.34
N LEU A 521 -4.53 0.50 20.47
CA LEU A 521 -3.99 -0.76 20.95
C LEU A 521 -3.41 -1.64 19.84
N PHE A 522 -3.50 -1.21 18.58
CA PHE A 522 -2.93 -1.95 17.47
C PHE A 522 -1.60 -1.41 17.00
N SER A 523 -1.42 -0.08 17.05
CA SER A 523 -0.17 0.52 16.59
C SER A 523 0.99 0.07 17.47
N ALA A 524 2.14 -0.15 16.83
CA ALA A 524 3.31 -0.62 17.56
C ALA A 524 3.79 0.45 18.55
N SER A 525 4.29 -0.01 19.69
CA SER A 525 4.76 0.89 20.73
C SER A 525 5.65 0.11 21.68
N ARG A 526 6.37 0.85 22.53
CA ARG A 526 7.24 0.28 23.55
C ARG A 526 6.63 0.52 24.92
N GLN A 527 6.48 -0.55 25.70
CA GLN A 527 5.90 -0.46 27.03
C GLN A 527 6.92 0.15 27.97
N THR A 528 6.70 1.41 28.35
CA THR A 528 7.57 2.09 29.29
C THR A 528 7.16 1.75 30.71
N LEU A 529 7.68 2.50 31.68
CA LEU A 529 7.38 2.23 33.09
C LEU A 529 5.89 2.50 33.37
N ILE A 530 5.34 1.71 34.28
CA ILE A 530 3.99 1.95 34.77
C ILE A 530 4.01 3.21 35.63
N VAL A 531 3.08 4.13 35.36
CA VAL A 531 3.08 5.45 35.98
C VAL A 531 1.94 5.50 37.00
N ARG A 532 2.26 5.97 38.21
CA ARG A 532 1.24 6.13 39.23
C ARG A 532 0.25 7.21 38.83
N ALA A 533 -1.04 6.93 39.05
CA ALA A 533 -2.07 7.90 38.72
C ALA A 533 -1.95 9.17 39.55
N GLN A 534 -1.45 9.05 40.79
CA GLN A 534 -1.28 10.23 41.62
C GLN A 534 -0.11 11.09 41.16
N ASP A 535 0.90 10.47 40.56
CA ASP A 535 2.06 11.20 40.05
C ASP A 535 1.78 11.92 38.75
N VAL A 536 0.64 11.65 38.10
CA VAL A 536 0.28 12.30 36.85
C VAL A 536 -0.39 13.62 37.17
N GLU A 537 0.33 14.72 36.95
CA GLU A 537 -0.26 16.03 37.12
C GLU A 537 -1.14 16.36 35.91
N GLN A 538 -2.06 17.31 36.10
CA GLN A 538 -2.94 17.75 35.04
C GLN A 538 -2.78 19.26 34.90
N ILE A 539 -1.77 19.67 34.13
CA ILE A 539 -1.56 21.09 33.85
C ILE A 539 -2.59 21.53 32.80
N PRO A 540 -3.23 22.68 32.98
CA PRO A 540 -4.31 23.07 32.05
C PRO A 540 -3.80 23.40 30.66
N ASP A 541 -4.69 23.25 29.69
CA ASP A 541 -4.39 23.56 28.31
C ASP A 541 -4.28 25.08 28.11
N ILE A 542 -3.63 25.47 27.03
CA ILE A 542 -3.48 26.86 26.66
C ILE A 542 -4.28 27.10 25.38
N GLU A 543 -5.28 27.97 25.47
CA GLU A 543 -6.16 28.29 24.36
C GLU A 543 -6.25 29.81 24.20
N VAL A 544 -6.23 30.27 22.95
CA VAL A 544 -6.25 31.70 22.66
C VAL A 544 -7.67 32.20 22.37
N THR A 545 -8.42 31.46 21.56
CA THR A 545 -9.80 31.80 21.22
C THR A 545 -9.90 33.23 20.68
N THR A 546 -9.29 33.42 19.50
CA THR A 546 -9.33 34.70 18.80
C THR A 546 -9.80 34.48 17.37
N ASP A 547 -10.33 35.54 16.77
CA ASP A 547 -10.89 35.52 15.43
C ASP A 547 -12.02 34.51 15.30
N GLY A 548 -12.75 34.29 16.38
CA GLY A 548 -13.87 33.35 16.38
C GLY A 548 -13.54 31.90 16.65
N ALA A 549 -12.52 31.38 15.97
CA ALA A 549 -12.15 29.98 16.12
C ALA A 549 -11.55 29.72 17.50
N ASP A 550 -11.93 28.58 18.08
CA ASP A 550 -11.39 28.15 19.37
C ASP A 550 -10.14 27.32 19.10
N TYR A 551 -8.98 27.93 19.30
CA TYR A 551 -7.70 27.29 19.01
C TYR A 551 -6.94 27.06 20.31
N CYS A 552 -6.53 25.82 20.54
CA CYS A 552 -5.80 25.44 21.74
C CYS A 552 -4.33 25.27 21.39
N PHE A 553 -3.47 26.08 22.01
CA PHE A 553 -2.04 26.01 21.72
C PHE A 553 -1.46 24.66 22.14
N SER A 554 -1.86 24.16 23.31
CA SER A 554 -1.40 22.86 23.79
C SER A 554 -2.42 21.79 23.41
N ASP A 555 -2.48 21.51 22.11
CA ASP A 555 -3.50 20.60 21.60
C ASP A 555 -3.23 19.16 22.02
N GLY A 556 -1.97 18.74 22.07
CA GLY A 556 -1.65 17.42 22.56
C GLY A 556 -0.34 17.34 23.32
N ILE A 557 0.30 18.47 23.57
CA ILE A 557 1.61 18.51 24.19
C ILE A 557 1.46 18.46 25.71
N GLY A 558 2.27 17.60 26.33
CA GLY A 558 2.26 17.46 27.77
C GLY A 558 3.59 17.81 28.39
N LYS A 559 3.93 17.14 29.50
CA LYS A 559 5.19 17.38 30.19
C LYS A 559 5.72 16.04 30.68
N ILE A 560 6.93 16.07 31.26
CA ILE A 560 7.50 14.93 31.97
C ILE A 560 8.71 15.42 32.76
N SER A 561 8.94 14.83 33.93
CA SER A 561 10.11 15.18 34.71
C SER A 561 11.37 14.55 34.11
N LEU A 562 12.52 15.15 34.42
CA LEU A 562 13.78 14.68 33.86
C LEU A 562 14.10 13.27 34.34
N ALA A 563 13.82 12.95 35.61
CA ALA A 563 14.05 11.60 36.09
C ALA A 563 13.14 10.60 35.39
N PHE A 564 11.83 10.92 35.33
CA PHE A 564 10.93 10.09 34.56
C PHE A 564 11.41 9.97 33.12
N ALA A 565 11.98 11.06 32.58
CA ALA A 565 12.49 11.03 31.21
C ALA A 565 13.63 10.03 31.07
N LYS A 566 14.57 10.00 32.02
CA LYS A 566 15.69 9.06 31.93
C LYS A 566 15.22 7.62 32.03
N GLN A 567 14.38 7.30 33.01
CA GLN A 567 13.86 5.94 33.08
C GLN A 567 13.01 5.56 31.85
N VAL A 568 12.22 6.49 31.31
CA VAL A 568 11.49 6.19 30.08
C VAL A 568 12.46 5.95 28.93
N ALA A 569 13.56 6.71 28.89
CA ALA A 569 14.53 6.56 27.82
C ALA A 569 15.19 5.18 27.85
N GLN A 570 15.69 4.78 29.02
CA GLN A 570 16.27 3.44 29.13
C GLN A 570 15.23 2.34 28.93
N LYS A 571 13.96 2.60 29.26
CA LYS A 571 12.92 1.64 28.91
C LYS A 571 12.77 1.50 27.41
N CYS A 572 12.82 2.62 26.68
CA CYS A 572 12.72 2.56 25.22
C CYS A 572 13.92 1.86 24.61
N GLY A 573 15.11 2.11 25.12
CA GLY A 573 16.31 1.48 24.60
C GLY A 573 17.37 2.47 24.18
N LEU A 574 17.29 3.70 24.70
CA LEU A 574 18.20 4.77 24.34
C LEU A 574 19.06 5.15 25.54
N SER A 575 20.31 5.52 25.26
CA SER A 575 21.24 5.95 26.29
C SER A 575 21.19 7.46 26.54
N HIS A 576 20.45 8.20 25.72
CA HIS A 576 20.27 9.63 25.88
C HIS A 576 18.82 9.93 26.25
N VAL A 577 18.58 11.19 26.62
CA VAL A 577 17.24 11.64 26.97
C VAL A 577 16.68 12.42 25.78
N PRO A 578 15.66 11.89 25.10
CA PRO A 578 15.01 12.68 24.05
C PRO A 578 14.24 13.85 24.63
N SER A 579 14.07 14.88 23.79
CA SER A 579 13.33 16.06 24.22
C SER A 579 11.86 15.73 24.49
N ALA A 580 11.26 14.90 23.64
CA ALA A 580 9.85 14.59 23.79
C ALA A 580 9.57 13.18 23.30
N PHE A 581 8.54 12.56 23.89
CA PHE A 581 8.09 11.22 23.53
C PHE A 581 6.65 11.29 23.06
N GLN A 582 6.35 10.67 21.93
CA GLN A 582 4.96 10.51 21.50
C GLN A 582 4.38 9.29 22.20
N ILE A 583 3.37 9.52 23.05
CA ILE A 583 2.91 8.49 23.98
C ILE A 583 1.42 8.28 23.82
N ARG A 584 0.96 7.13 24.33
CA ARG A 584 -0.45 6.76 24.41
C ARG A 584 -0.75 6.20 25.78
N TYR A 585 -0.26 6.87 26.82
CA TYR A 585 -0.41 6.40 28.20
C TYR A 585 -1.88 6.46 28.59
N GLY A 586 -2.50 5.29 28.75
CA GLY A 586 -3.92 5.22 29.02
C GLY A 586 -4.74 5.72 27.85
N GLY A 587 -5.40 6.87 28.02
CA GLY A 587 -6.16 7.46 26.96
C GLY A 587 -5.68 8.84 26.58
N TYR A 588 -4.61 9.31 27.25
CA TYR A 588 -4.08 10.65 27.02
C TYR A 588 -3.04 10.60 25.91
N LYS A 589 -3.54 10.30 24.70
CA LYS A 589 -2.67 10.18 23.54
C LYS A 589 -2.08 11.54 23.17
N GLY A 590 -0.78 11.57 22.90
CA GLY A 590 -0.13 12.81 22.53
C GLY A 590 1.38 12.67 22.63
N VAL A 591 2.04 13.83 22.77
CA VAL A 591 3.48 13.88 22.91
C VAL A 591 3.80 14.71 24.16
N ILE A 592 4.76 14.24 24.95
CA ILE A 592 5.11 14.85 26.21
C ILE A 592 6.58 15.27 26.17
N ALA A 593 6.86 16.49 26.61
CA ALA A 593 8.20 17.06 26.56
C ALA A 593 8.86 17.01 27.93
N VAL A 594 10.19 17.00 27.92
CA VAL A 594 10.98 16.91 29.15
C VAL A 594 11.20 18.30 29.71
N ASP A 595 10.65 18.57 30.88
CA ASP A 595 10.85 19.83 31.59
C ASP A 595 11.65 19.54 32.86
N ARG A 596 12.87 20.09 32.93
CA ARG A 596 13.68 19.92 34.12
C ARG A 596 13.09 20.64 35.33
N SER A 597 12.28 21.67 35.12
CA SER A 597 11.59 22.31 36.23
C SER A 597 10.44 21.47 36.75
N SER A 598 9.83 20.65 35.88
CA SER A 598 8.72 19.82 36.29
C SER A 598 9.20 18.72 37.24
N PHE A 599 8.48 18.54 38.34
CA PHE A 599 8.78 17.50 39.31
C PHE A 599 7.78 16.35 39.29
N ARG A 600 6.55 16.59 38.84
CA ARG A 600 5.59 15.50 38.72
C ARG A 600 6.02 14.53 37.63
N LYS A 601 5.64 13.26 37.81
CA LYS A 601 6.18 12.20 36.97
C LYS A 601 5.77 12.34 35.51
N LEU A 602 4.50 12.66 35.24
CA LEU A 602 4.04 12.56 33.87
C LEU A 602 3.30 13.81 33.40
N SER A 603 2.69 14.55 34.33
CA SER A 603 2.12 15.87 34.08
C SER A 603 1.38 15.97 32.74
N LEU A 604 0.35 15.13 32.59
CA LEU A 604 -0.38 15.05 31.34
C LEU A 604 -1.38 16.21 31.25
N ARG A 605 -2.23 16.18 30.21
CA ARG A 605 -3.14 17.28 29.93
C ARG A 605 -4.50 16.73 29.50
N ASP A 606 -5.51 17.59 29.57
CA ASP A 606 -6.86 17.23 29.15
C ASP A 606 -6.98 17.16 27.63
N SER A 607 -6.27 18.04 26.91
CA SER A 607 -6.36 18.06 25.46
C SER A 607 -5.79 16.80 24.82
N MET A 608 -4.97 16.04 25.54
CA MET A 608 -4.46 14.77 25.06
C MET A 608 -5.45 13.63 25.24
N LEU A 609 -6.49 13.82 26.04
CA LEU A 609 -7.47 12.77 26.30
C LEU A 609 -8.27 12.48 25.04
N LYS A 610 -8.38 11.20 24.69
CA LYS A 610 -9.20 10.77 23.57
C LYS A 610 -10.23 9.75 24.02
N PHE A 611 -9.87 8.93 25.01
CA PHE A 611 -10.78 7.94 25.56
C PHE A 611 -10.34 7.62 26.99
N ASP A 612 -11.28 7.09 27.77
CA ASP A 612 -11.02 6.74 29.15
C ASP A 612 -10.38 5.36 29.23
N SER A 613 -9.37 5.23 30.09
CA SER A 613 -8.67 3.97 30.27
C SER A 613 -7.96 3.98 31.62
N ASN A 614 -7.95 2.83 32.28
CA ASN A 614 -7.27 2.66 33.56
C ASN A 614 -5.84 2.17 33.41
N ASN A 615 -5.35 1.99 32.18
CA ASN A 615 -4.00 1.50 31.94
C ASN A 615 -3.02 2.63 32.19
N ARG A 616 -2.68 2.80 33.47
CA ARG A 616 -1.76 3.86 33.90
C ARG A 616 -0.32 3.43 33.65
N MET A 617 0.03 3.36 32.37
CA MET A 617 1.38 3.02 31.94
C MET A 617 1.66 3.69 30.61
N LEU A 618 2.89 4.15 30.44
CA LEU A 618 3.28 4.84 29.21
C LEU A 618 3.42 3.85 28.06
N ASN A 619 2.98 4.27 26.88
CA ASN A 619 3.16 3.52 25.64
C ASN A 619 3.79 4.48 24.64
N VAL A 620 5.11 4.44 24.54
CA VAL A 620 5.86 5.35 23.68
C VAL A 620 5.96 4.75 22.29
N THR A 621 5.57 5.55 21.28
CA THR A 621 5.66 5.13 19.89
C THR A 621 6.97 5.57 19.24
N ARG A 622 7.25 6.87 19.25
CA ARG A 622 8.51 7.38 18.74
C ARG A 622 8.92 8.61 19.53
N TRP A 623 10.21 8.72 19.82
CA TRP A 623 10.78 9.84 20.55
C TRP A 623 11.16 10.95 19.58
N THR A 624 11.82 11.97 20.10
CA THR A 624 12.32 13.08 19.28
C THR A 624 13.75 12.76 18.85
N GLU A 625 13.93 12.53 17.55
CA GLU A 625 15.26 12.37 16.97
C GLU A 625 15.36 13.24 15.73
N SER A 626 16.59 13.63 15.40
CA SER A 626 16.86 14.49 14.25
C SER A 626 16.77 13.63 12.98
N MET A 627 15.54 13.35 12.59
CA MET A 627 15.31 12.56 11.40
C MET A 627 15.69 13.37 10.16
N PRO A 628 16.45 12.81 9.22
CA PRO A 628 16.84 13.56 8.03
C PRO A 628 15.61 14.07 7.29
N CYS A 629 15.73 15.29 6.77
CA CYS A 629 14.64 15.93 6.07
C CYS A 629 14.59 15.48 4.61
N PHE A 630 13.40 15.61 4.03
CA PHE A 630 13.19 15.25 2.63
C PHE A 630 11.89 15.90 2.16
N LEU A 631 11.97 16.64 1.06
CA LEU A 631 10.79 17.32 0.53
C LEU A 631 9.81 16.30 -0.03
N ASN A 632 8.60 16.79 -0.32
CA ASN A 632 7.58 15.99 -0.96
C ASN A 632 6.97 16.81 -2.08
N ARG A 633 6.23 16.11 -2.95
CA ARG A 633 5.62 16.80 -4.09
C ARG A 633 4.63 17.85 -3.64
N GLU A 634 3.93 17.61 -2.52
CA GLU A 634 3.04 18.61 -1.97
C GLU A 634 3.81 19.80 -1.43
N ILE A 635 4.89 19.53 -0.68
CA ILE A 635 5.72 20.61 -0.15
C ILE A 635 6.35 21.41 -1.27
N ILE A 636 6.86 20.73 -2.31
CA ILE A 636 7.44 21.42 -3.44
C ILE A 636 6.39 22.27 -4.15
N CYS A 637 5.19 21.72 -4.31
CA CYS A 637 4.11 22.47 -4.97
C CYS A 637 3.78 23.74 -4.20
N LEU A 638 3.63 23.64 -2.87
CA LEU A 638 3.29 24.83 -2.11
C LEU A 638 4.43 25.84 -2.10
N LEU A 639 5.67 25.37 -1.96
CA LEU A 639 6.80 26.29 -1.97
C LEU A 639 6.91 27.01 -3.32
N SER A 640 6.65 26.30 -4.41
CA SER A 640 6.63 26.93 -5.73
C SER A 640 5.50 27.94 -5.83
N THR A 641 4.32 27.61 -5.29
CA THR A 641 3.19 28.54 -5.33
C THR A 641 3.49 29.80 -4.52
N LEU A 642 4.10 29.64 -3.35
CA LEU A 642 4.43 30.80 -2.52
C LEU A 642 5.59 31.62 -3.07
N GLY A 643 6.29 31.14 -4.09
CA GLY A 643 7.29 31.97 -4.75
C GLY A 643 8.71 31.43 -4.75
N ILE A 644 8.87 30.11 -4.75
CA ILE A 644 10.17 29.49 -4.90
C ILE A 644 10.28 28.96 -6.32
N GLU A 645 11.25 29.47 -7.07
CA GLU A 645 11.37 29.15 -8.48
C GLU A 645 11.71 27.67 -8.69
N ASP A 646 11.29 27.14 -9.85
CA ASP A 646 11.56 25.74 -10.16
C ASP A 646 13.05 25.47 -10.28
N ALA A 647 13.85 26.48 -10.61
CA ALA A 647 15.29 26.30 -10.72
C ALA A 647 15.97 26.06 -9.38
N MET A 648 15.26 26.30 -8.27
CA MET A 648 15.82 26.07 -6.94
C MET A 648 15.65 24.62 -6.50
N PHE A 649 14.47 24.04 -6.73
CA PHE A 649 14.27 22.62 -6.47
C PHE A 649 15.16 21.76 -7.36
N GLU A 650 15.30 22.17 -8.62
CA GLU A 650 16.11 21.38 -9.57
C GLU A 650 17.56 21.31 -9.14
N ALA A 651 18.08 22.36 -8.51
CA ALA A 651 19.46 22.32 -8.03
C ALA A 651 19.61 21.36 -6.86
N MET A 652 18.65 21.36 -5.94
CA MET A 652 18.72 20.44 -4.81
C MET A 652 18.58 18.99 -5.26
N GLN A 653 17.67 18.72 -6.21
CA GLN A 653 17.57 17.38 -6.77
C GLN A 653 18.83 17.02 -7.56
N ALA A 654 19.48 18.01 -8.16
CA ALA A 654 20.76 17.75 -8.81
C ALA A 654 21.81 17.30 -7.81
N VAL A 655 21.85 17.95 -6.65
CA VAL A 655 22.76 17.53 -5.59
C VAL A 655 22.41 16.12 -5.11
N HIS A 656 21.12 15.84 -4.94
CA HIS A 656 20.68 14.51 -4.52
C HIS A 656 21.09 13.45 -5.54
N LEU A 657 20.91 13.74 -6.82
CA LEU A 657 21.27 12.79 -7.86
C LEU A 657 22.78 12.62 -7.98
N SER A 658 23.54 13.68 -7.73
CA SER A 658 25.00 13.53 -7.67
C SER A 658 25.41 12.64 -6.51
N MET A 659 24.75 12.79 -5.36
CA MET A 659 25.02 11.93 -4.22
C MET A 659 24.59 10.49 -4.49
N LEU A 660 23.57 10.31 -5.31
CA LEU A 660 23.05 8.97 -5.59
C LEU A 660 23.82 8.27 -6.71
N GLY A 661 24.40 9.02 -7.64
CA GLY A 661 25.11 8.39 -8.75
C GLY A 661 26.39 7.72 -8.33
N ASN A 662 27.13 8.32 -7.40
CA ASN A 662 28.44 7.83 -7.01
C ASN A 662 28.38 6.88 -5.81
N MET A 663 27.19 6.52 -5.34
CA MET A 663 27.09 5.59 -4.23
C MET A 663 27.57 4.19 -4.61
N LEU A 664 27.51 3.86 -5.90
CA LEU A 664 28.07 2.60 -6.39
C LEU A 664 29.56 2.70 -6.68
N GLU A 665 30.16 3.89 -6.55
CA GLU A 665 31.57 4.05 -6.87
C GLU A 665 32.36 4.83 -5.83
N ASP A 666 31.72 5.28 -4.75
CA ASP A 666 32.41 6.07 -3.74
C ASP A 666 32.01 5.57 -2.36
N ARG A 667 32.90 5.82 -1.38
CA ARG A 667 32.65 5.46 0.01
C ARG A 667 31.65 6.40 0.68
N ASP A 668 31.27 7.49 0.01
CA ASP A 668 30.34 8.45 0.60
C ASP A 668 28.99 7.84 0.95
N ALA A 669 28.61 6.74 0.30
CA ALA A 669 27.32 6.11 0.57
C ALA A 669 27.18 5.66 2.02
N ALA A 670 28.30 5.51 2.74
CA ALA A 670 28.23 5.12 4.14
C ALA A 670 27.51 6.18 4.98
N LEU A 671 27.79 7.46 4.72
CA LEU A 671 27.24 8.55 5.51
C LEU A 671 26.48 9.58 4.68
N ASN A 672 26.14 9.25 3.44
CA ASN A 672 25.40 10.20 2.61
C ASN A 672 24.09 9.63 2.07
N VAL A 673 24.06 8.34 1.73
CA VAL A 673 22.88 7.71 1.16
C VAL A 673 22.21 6.77 2.17
N LEU A 674 22.92 5.73 2.59
CA LEU A 674 22.34 4.77 3.53
C LEU A 674 22.03 5.43 4.87
N GLN A 675 22.93 6.30 5.34
CA GLN A 675 22.78 6.86 6.69
C GLN A 675 21.53 7.72 6.80
N LYS A 676 21.26 8.55 5.80
CA LYS A 676 20.19 9.54 5.90
C LYS A 676 19.08 9.37 4.88
N LEU A 677 19.41 9.14 3.61
CA LEU A 677 18.37 9.01 2.59
C LEU A 677 17.47 7.82 2.85
N SER A 678 18.06 6.68 3.23
CA SER A 678 17.31 5.48 3.52
C SER A 678 17.11 5.32 5.03
N GLY A 679 16.35 4.30 5.39
CA GLY A 679 16.12 3.98 6.79
C GLY A 679 17.26 3.32 7.49
N GLU A 680 18.38 3.10 6.80
CA GLU A 680 19.55 2.47 7.41
C GLU A 680 20.15 3.38 8.48
N ASN A 681 20.81 2.76 9.45
CA ASN A 681 21.41 3.48 10.55
C ASN A 681 22.86 3.05 10.79
N SER A 682 23.46 3.51 11.89
CA SER A 682 24.85 3.16 12.18
C SER A 682 25.04 1.68 12.47
N LYS A 683 23.97 0.97 12.79
CA LYS A 683 24.04 -0.46 13.06
C LYS A 683 23.71 -1.32 11.86
N ASN A 684 23.47 -0.73 10.69
CA ASN A 684 23.22 -1.52 9.50
C ASN A 684 24.49 -2.24 9.06
N LEU A 685 24.31 -3.43 8.50
CA LEU A 685 25.47 -4.24 8.08
C LEU A 685 26.23 -3.56 6.94
N LEU A 686 25.51 -2.98 5.99
CA LEU A 686 26.16 -2.25 4.91
C LEU A 686 26.93 -1.05 5.44
N VAL A 687 26.35 -0.33 6.41
CA VAL A 687 27.05 0.78 7.04
C VAL A 687 28.28 0.27 7.77
N LYS A 688 28.19 -0.91 8.38
CA LYS A 688 29.34 -1.49 9.07
C LYS A 688 30.47 -1.78 8.09
N MET A 689 30.16 -2.44 6.97
CA MET A 689 31.22 -2.78 6.02
C MET A 689 31.59 -1.64 5.09
N LEU A 690 30.92 -0.49 5.19
CA LEU A 690 31.35 0.69 4.45
C LEU A 690 32.13 1.68 5.30
N LEU A 691 31.84 1.76 6.60
CA LEU A 691 32.57 2.68 7.48
C LEU A 691 34.00 2.20 7.68
N GLN A 692 34.22 0.89 7.68
CA GLN A 692 35.53 0.30 7.91
C GLN A 692 35.84 -0.76 6.87
N GLY A 693 35.33 -0.57 5.65
CA GLY A 693 35.51 -1.56 4.61
C GLY A 693 35.91 -0.98 3.27
N TYR A 694 35.84 -1.81 2.22
CA TYR A 694 36.29 -1.44 0.89
C TYR A 694 35.16 -0.74 0.13
N ALA A 695 35.40 -0.49 -1.15
CA ALA A 695 34.43 0.25 -1.97
C ALA A 695 33.16 -0.56 -2.16
N PRO A 696 32.02 0.11 -2.38
CA PRO A 696 30.76 -0.63 -2.58
C PRO A 696 30.82 -1.66 -3.70
N SER A 697 31.50 -1.34 -4.81
CA SER A 697 31.55 -2.25 -5.94
C SER A 697 32.54 -3.40 -5.74
N SER A 698 33.36 -3.35 -4.69
CA SER A 698 34.35 -4.40 -4.48
C SER A 698 33.70 -5.71 -4.05
N GLU A 699 32.78 -5.64 -3.09
CA GLU A 699 32.19 -6.87 -2.58
C GLU A 699 30.88 -7.18 -3.30
N PRO A 700 30.60 -8.47 -3.57
CA PRO A 700 29.37 -8.79 -4.31
C PRO A 700 28.10 -8.50 -3.52
N TYR A 701 28.04 -8.94 -2.27
CA TYR A 701 26.88 -8.65 -1.43
C TYR A 701 26.71 -7.15 -1.22
N LEU A 702 27.82 -6.46 -0.94
CA LEU A 702 27.76 -5.02 -0.75
C LEU A 702 27.32 -4.32 -2.03
N SER A 703 27.85 -4.74 -3.18
CA SER A 703 27.46 -4.11 -4.43
C SER A 703 25.99 -4.33 -4.74
N MET A 704 25.49 -5.55 -4.53
CA MET A 704 24.09 -5.81 -4.84
C MET A 704 23.15 -5.07 -3.89
N MET A 705 23.50 -4.99 -2.61
CA MET A 705 22.63 -4.26 -1.69
C MET A 705 22.68 -2.75 -1.95
N LEU A 706 23.86 -2.22 -2.30
CA LEU A 706 23.94 -0.81 -2.65
C LEU A 706 23.19 -0.52 -3.94
N ARG A 707 23.19 -1.46 -4.90
CA ARG A 707 22.41 -1.27 -6.11
C ARG A 707 20.91 -1.29 -5.82
N VAL A 708 20.49 -2.18 -4.91
CA VAL A 708 19.08 -2.22 -4.52
C VAL A 708 18.69 -0.91 -3.84
N HIS A 709 19.56 -0.40 -2.95
CA HIS A 709 19.28 0.89 -2.32
C HIS A 709 19.23 2.02 -3.33
N HIS A 710 20.14 1.99 -4.31
CA HIS A 710 20.14 3.00 -5.37
C HIS A 710 18.84 2.97 -6.16
N GLU A 711 18.38 1.76 -6.51
CA GLU A 711 17.12 1.64 -7.23
C GLU A 711 15.96 2.15 -6.39
N SER A 712 15.96 1.82 -5.10
CA SER A 712 14.87 2.27 -4.23
C SER A 712 14.84 3.79 -4.12
N GLN A 713 16.01 4.40 -3.93
CA GLN A 713 16.06 5.86 -3.81
C GLN A 713 15.67 6.55 -5.11
N LEU A 714 16.14 6.03 -6.25
CA LEU A 714 15.76 6.62 -7.53
C LEU A 714 14.27 6.48 -7.79
N SER A 715 13.70 5.30 -7.48
CA SER A 715 12.27 5.11 -7.67
C SER A 715 11.46 6.04 -6.76
N GLU A 716 11.90 6.20 -5.52
CA GLU A 716 11.22 7.13 -4.62
C GLU A 716 11.29 8.55 -5.15
N LEU A 717 12.50 9.03 -5.48
CA LEU A 717 12.68 10.40 -5.94
C LEU A 717 11.90 10.66 -7.23
N LYS A 718 11.80 9.66 -8.10
CA LYS A 718 10.99 9.83 -9.31
C LYS A 718 9.50 9.85 -8.98
N SER A 719 9.08 9.03 -8.02
CA SER A 719 7.67 8.99 -7.65
C SER A 719 7.32 10.10 -6.67
N ARG A 720 7.94 10.09 -5.49
CA ARG A 720 7.73 11.11 -4.47
C ARG A 720 9.05 11.85 -4.28
N CYS A 721 9.07 13.14 -4.64
CA CYS A 721 10.34 13.84 -4.77
C CYS A 721 10.96 14.11 -3.40
N ARG A 722 11.50 13.06 -2.79
CA ARG A 722 12.16 13.15 -1.49
C ARG A 722 13.55 13.75 -1.66
N ILE A 723 13.57 15.04 -1.98
CA ILE A 723 14.81 15.77 -2.15
C ILE A 723 15.32 16.17 -0.76
N LEU A 724 16.44 15.57 -0.34
CA LEU A 724 16.99 15.84 0.98
C LEU A 724 17.58 17.24 1.04
N VAL A 725 17.26 17.98 2.09
CA VAL A 725 17.89 19.26 2.39
C VAL A 725 18.85 19.05 3.56
N PRO A 726 20.17 19.20 3.36
CA PRO A 726 21.08 19.14 4.51
C PRO A 726 20.80 20.23 5.52
N LYS A 727 20.38 21.41 5.06
CA LYS A 727 19.96 22.51 5.93
C LYS A 727 18.47 22.38 6.18
N GLY A 728 18.12 21.36 6.96
CA GLY A 728 16.72 21.12 7.29
C GLY A 728 16.49 19.78 7.96
N ARG A 729 15.48 19.70 8.81
CA ARG A 729 15.20 18.47 9.55
C ARG A 729 13.71 18.38 9.83
N ILE A 730 13.15 17.20 9.62
CA ILE A 730 11.77 16.92 9.99
C ILE A 730 11.73 16.63 11.48
N LEU A 731 11.04 17.46 12.24
CA LEU A 731 11.10 17.43 13.70
C LEU A 731 9.71 17.36 14.30
N ILE A 732 9.62 16.73 15.46
CA ILE A 732 8.35 16.63 16.18
C ILE A 732 8.00 18.00 16.76
N GLY A 733 6.75 18.42 16.53
CA GLY A 733 6.31 19.69 17.06
C GLY A 733 6.19 19.66 18.58
N CYS A 734 6.53 20.78 19.20
CA CYS A 734 6.44 20.93 20.66
C CYS A 734 6.10 22.37 20.99
N MET A 735 5.62 22.58 22.20
CA MET A 735 5.26 23.91 22.68
C MET A 735 6.22 24.35 23.77
N ASP A 736 6.50 25.65 23.81
CA ASP A 736 7.32 26.21 24.87
C ASP A 736 6.50 26.34 26.14
N GLU A 737 6.96 25.71 27.22
CA GLU A 737 6.23 25.73 28.48
C GLU A 737 6.50 27.00 29.28
N MET A 738 7.20 27.97 28.71
CA MET A 738 7.42 29.27 29.33
C MET A 738 7.14 30.35 28.31
N GLY A 739 6.63 31.48 28.80
CA GLY A 739 6.16 32.54 27.92
C GLY A 739 7.24 33.47 27.40
N ILE A 740 8.18 32.94 26.63
CA ILE A 740 9.20 33.75 25.97
C ILE A 740 9.04 33.74 24.46
N LEU A 741 8.59 32.61 23.89
CA LEU A 741 8.40 32.51 22.45
C LEU A 741 7.10 33.20 22.05
N GLU A 742 7.18 34.07 21.05
CA GLU A 742 6.07 34.88 20.59
C GLU A 742 5.64 34.41 19.20
N TYR A 743 4.45 34.85 18.79
CA TYR A 743 3.89 34.45 17.50
C TYR A 743 4.85 34.79 16.36
N GLY A 744 4.99 33.86 15.42
CA GLY A 744 5.95 34.00 14.35
C GLY A 744 7.37 33.62 14.72
N GLN A 745 7.60 33.14 15.94
CA GLN A 745 8.92 32.77 16.41
C GLN A 745 8.89 31.34 16.91
N VAL A 746 9.91 30.57 16.56
CA VAL A 746 10.04 29.18 16.96
C VAL A 746 11.47 28.94 17.46
N TYR A 747 11.67 27.82 18.12
CA TYR A 747 12.98 27.40 18.59
C TYR A 747 13.28 26.01 18.05
N VAL A 748 14.42 25.87 17.39
CA VAL A 748 14.81 24.64 16.71
C VAL A 748 16.26 24.37 17.07
N ARG A 749 16.50 23.48 18.02
CA ARG A 749 17.84 23.03 18.38
C ARG A 749 17.99 21.59 17.92
N VAL A 750 18.86 21.38 16.92
CA VAL A 750 19.03 20.08 16.29
C VAL A 750 20.47 19.63 16.44
N THR A 751 20.66 18.35 16.72
CA THR A 751 21.99 17.78 16.74
C THR A 751 22.58 17.79 15.32
N LEU A 752 23.78 18.33 15.19
CA LEU A 752 24.37 18.50 13.88
C LEU A 752 24.78 17.15 13.30
N THR A 753 24.46 16.97 12.01
CA THR A 753 24.93 15.79 11.29
C THR A 753 26.44 15.86 11.10
N LYS A 754 27.02 14.75 10.67
CA LYS A 754 28.46 14.71 10.45
C LYS A 754 28.87 15.73 9.38
N ALA A 755 28.13 15.79 8.29
CA ALA A 755 28.39 16.83 7.28
C ALA A 755 28.17 18.22 7.85
N GLU A 756 27.11 18.38 8.65
CA GLU A 756 26.88 19.67 9.31
C GLU A 756 27.96 19.97 10.34
N LEU A 757 28.48 18.95 11.02
CA LEU A 757 29.58 19.17 11.95
C LEU A 757 30.84 19.61 11.21
N LYS A 758 31.09 19.06 10.03
CA LYS A 758 32.25 19.49 9.24
C LYS A 758 32.12 20.96 8.83
N SER A 759 30.93 21.40 8.44
CA SER A 759 30.68 22.77 8.02
C SER A 759 29.64 23.37 8.96
N ARG A 760 30.10 23.93 10.07
CA ARG A 760 29.24 24.54 11.08
C ARG A 760 29.58 26.02 11.21
N ASP A 761 28.98 26.67 12.21
CA ASP A 761 29.18 28.09 12.48
C ASP A 761 28.80 28.94 11.27
N GLN A 762 27.53 28.87 10.90
CA GLN A 762 26.97 29.57 9.76
C GLN A 762 25.92 30.57 10.23
N SER A 763 25.36 31.33 9.28
CA SER A 763 24.32 32.29 9.63
C SER A 763 23.04 31.60 10.08
N TYR A 764 22.82 30.34 9.68
CA TYR A 764 21.63 29.60 10.04
C TYR A 764 21.82 28.77 11.31
N PHE A 765 22.94 28.93 12.01
CA PHE A 765 23.24 28.11 13.17
C PHE A 765 24.05 28.91 14.17
N ARG A 766 24.12 28.41 15.40
CA ARG A 766 25.08 28.92 16.38
C ARG A 766 25.37 27.80 17.37
N LYS A 767 26.63 27.72 17.79
CA LYS A 767 27.09 26.60 18.59
C LYS A 767 26.48 26.66 19.99
N ILE A 768 25.70 25.64 20.32
CA ILE A 768 25.20 25.45 21.68
C ILE A 768 26.05 24.47 22.45
N ASP A 769 26.33 23.31 21.85
CA ASP A 769 27.21 22.29 22.40
C ASP A 769 28.16 21.83 21.31
N GLU A 770 29.07 20.92 21.67
CA GLU A 770 29.98 20.35 20.68
C GLU A 770 29.24 19.56 19.61
N GLU A 771 28.02 19.11 19.91
CA GLU A 771 27.26 18.24 19.01
C GLU A 771 26.04 18.89 18.39
N THR A 772 25.40 19.82 19.08
CA THR A 772 24.13 20.39 18.63
C THR A 772 24.26 21.89 18.40
N SER A 773 23.36 22.42 17.58
CA SER A 773 23.33 23.84 17.26
C SER A 773 21.88 24.26 17.01
N VAL A 774 21.55 25.48 17.41
CA VAL A 774 20.20 26.01 17.28
C VAL A 774 20.14 26.92 16.07
N VAL A 775 19.07 26.77 15.27
CA VAL A 775 18.88 27.62 14.11
C VAL A 775 18.59 29.05 14.56
N ILE A 776 19.09 30.02 13.78
CA ILE A 776 18.97 31.43 14.15
C ILE A 776 18.22 32.18 13.04
N GLY A 777 18.30 31.66 11.81
CA GLY A 777 17.71 32.32 10.66
C GLY A 777 16.25 31.94 10.46
N LYS A 778 15.73 32.37 9.31
CA LYS A 778 14.37 32.01 8.93
C LYS A 778 14.26 30.50 8.74
N VAL A 779 13.08 29.97 9.07
CA VAL A 779 12.79 28.55 8.90
C VAL A 779 11.39 28.41 8.31
N VAL A 780 11.26 27.52 7.34
CA VAL A 780 9.96 27.17 6.78
C VAL A 780 9.41 25.97 7.53
N VAL A 781 8.17 26.06 7.98
CA VAL A 781 7.55 25.03 8.81
C VAL A 781 6.24 24.60 8.15
N THR A 782 6.08 23.28 7.99
CA THR A 782 4.85 22.73 7.44
C THR A 782 4.72 21.29 7.91
N LYS A 783 3.48 20.81 7.95
CA LYS A 783 3.21 19.46 8.42
C LYS A 783 3.41 18.46 7.29
N ASN A 784 3.21 17.17 7.62
CA ASN A 784 3.37 16.12 6.62
C ASN A 784 2.39 16.24 5.45
N PRO A 785 1.06 16.43 5.66
CA PRO A 785 0.16 16.55 4.51
C PRO A 785 0.54 17.71 3.60
N CYS A 786 0.52 18.93 4.14
CA CYS A 786 1.07 20.10 3.47
C CYS A 786 0.47 20.28 2.08
N LEU A 787 -0.83 20.54 2.02
CA LEU A 787 -1.53 20.62 0.75
C LEU A 787 -2.12 21.99 0.45
N HIS A 788 -2.33 22.84 1.46
CA HIS A 788 -2.96 24.13 1.26
C HIS A 788 -1.94 25.24 1.40
N PRO A 789 -1.92 26.22 0.49
CA PRO A 789 -0.98 27.33 0.63
C PRO A 789 -1.31 28.16 1.86
N GLY A 790 -0.46 28.08 2.88
CA GLY A 790 -0.75 28.68 4.16
C GLY A 790 -0.26 27.81 5.30
N ASP A 791 -0.17 26.50 5.04
CA ASP A 791 0.50 25.63 5.99
C ASP A 791 2.01 25.83 5.96
N ILE A 792 2.53 26.34 4.84
CA ILE A 792 3.94 26.72 4.74
C ILE A 792 4.12 28.00 5.51
N ARG A 793 4.64 27.90 6.73
CA ARG A 793 4.77 29.02 7.64
C ARG A 793 6.23 29.39 7.75
N VAL A 794 6.55 30.65 7.43
CA VAL A 794 7.93 31.15 7.53
C VAL A 794 8.08 31.69 8.94
N LEU A 795 8.41 30.80 9.87
CA LEU A 795 8.59 31.18 11.26
C LEU A 795 10.03 31.61 11.49
N ASP A 796 10.27 32.23 12.64
CA ASP A 796 11.58 32.74 13.01
C ASP A 796 12.19 31.82 14.07
N ALA A 797 13.38 31.29 13.79
CA ALA A 797 14.10 30.48 14.74
C ALA A 797 14.96 31.38 15.61
N ILE A 798 14.65 31.45 16.90
CA ILE A 798 15.37 32.33 17.81
C ILE A 798 16.05 31.51 18.89
N TYR A 799 17.15 32.05 19.41
CA TYR A 799 17.88 31.43 20.51
C TYR A 799 17.36 31.98 21.83
N GLU A 800 16.85 31.09 22.67
CA GLU A 800 16.35 31.47 23.98
C GLU A 800 17.45 31.34 25.02
N VAL A 801 17.50 32.29 25.96
CA VAL A 801 18.48 32.22 27.03
C VAL A 801 18.23 31.03 27.94
N HIS A 802 17.04 30.44 27.88
CA HIS A 802 16.68 29.30 28.71
C HIS A 802 16.86 27.98 27.97
N PHE A 803 17.83 27.91 27.05
CA PHE A 803 18.05 26.68 26.30
C PHE A 803 18.62 25.58 27.20
N GLU A 804 19.51 25.95 28.12
CA GLU A 804 20.13 24.95 29.00
C GLU A 804 19.17 24.46 30.08
N GLU A 805 18.24 25.32 30.51
CA GLU A 805 17.34 24.94 31.60
C GLU A 805 16.38 23.83 31.17
N LYS A 806 15.87 23.91 29.95
CA LYS A 806 14.91 22.91 29.46
C LYS A 806 15.52 21.94 28.46
N GLY A 807 16.49 22.39 27.66
CA GLY A 807 17.24 21.48 26.80
C GLY A 807 16.45 20.78 25.72
N TYR A 808 15.62 21.51 24.98
CA TYR A 808 14.91 20.90 23.85
C TYR A 808 15.90 20.49 22.76
N LEU A 809 15.67 19.34 22.16
CA LEU A 809 16.57 18.82 21.14
C LEU A 809 15.77 18.10 20.06
N ASP A 810 16.09 18.38 18.81
CA ASP A 810 15.50 17.69 17.65
C ASP A 810 13.97 17.81 17.66
N CYS A 811 13.47 18.98 18.03
CA CYS A 811 12.03 19.23 18.05
C CYS A 811 11.78 20.72 17.97
N ILE A 812 10.96 21.13 17.01
CA ILE A 812 10.61 22.53 16.85
C ILE A 812 9.69 22.95 18.00
N ILE A 813 10.00 24.08 18.62
CA ILE A 813 9.28 24.54 19.81
C ILE A 813 8.34 25.66 19.36
N PHE A 814 7.05 25.33 19.26
CA PHE A 814 6.06 26.33 18.92
C PHE A 814 5.84 27.27 20.11
N PRO A 815 5.47 28.53 19.84
CA PRO A 815 5.22 29.46 20.94
C PRO A 815 4.01 29.05 21.76
N GLN A 816 4.06 29.41 23.05
CA GLN A 816 2.93 29.14 23.94
C GLN A 816 1.79 30.13 23.73
N LYS A 817 2.11 31.38 23.39
CA LYS A 817 1.11 32.43 23.24
C LYS A 817 1.23 33.06 21.86
N GLY A 818 0.11 33.55 21.37
CA GLY A 818 0.07 34.17 20.05
C GLY A 818 -1.35 34.21 19.53
N GLU A 819 -1.48 34.79 18.34
CA GLU A 819 -2.80 34.89 17.72
C GLU A 819 -3.36 33.52 17.38
N ARG A 820 -2.51 32.62 16.89
CA ARG A 820 -2.95 31.30 16.46
C ARG A 820 -1.81 30.31 16.67
N PRO A 821 -2.09 29.11 17.15
CA PRO A 821 -1.04 28.08 17.26
C PRO A 821 -0.42 27.80 15.90
N HIS A 822 0.91 27.75 15.88
CA HIS A 822 1.61 27.50 14.62
C HIS A 822 1.30 26.15 13.99
N PRO A 823 1.26 25.04 14.74
CA PRO A 823 0.82 23.78 14.11
C PRO A 823 -0.60 23.84 13.57
N ASN A 824 -1.49 24.58 14.25
CA ASN A 824 -2.86 24.69 13.78
C ASN A 824 -2.91 25.36 12.41
N GLU A 825 -2.12 26.42 12.22
CA GLU A 825 -2.08 27.07 10.91
C GLU A 825 -1.23 26.31 9.91
N CYS A 826 -0.51 25.28 10.35
CA CYS A 826 0.13 24.33 9.43
C CYS A 826 -0.92 23.31 9.02
N SER A 827 -1.82 23.76 8.13
CA SER A 827 -2.97 22.99 7.66
C SER A 827 -3.92 22.72 8.82
N GLY A 828 -3.82 21.54 9.43
CA GLY A 828 -4.61 21.22 10.59
C GLY A 828 -3.80 20.50 11.64
N GLY A 829 -2.49 20.74 11.63
CA GLY A 829 -1.60 20.03 12.52
C GLY A 829 -1.76 20.43 13.97
N ASP A 830 -1.20 19.60 14.84
CA ASP A 830 -1.22 19.83 16.28
C ASP A 830 -0.16 18.95 16.92
N LEU A 831 0.12 19.23 18.19
CA LEU A 831 1.22 18.57 18.90
C LEU A 831 0.76 17.26 19.55
N ASP A 832 0.20 16.36 18.74
CA ASP A 832 -0.02 14.98 19.17
C ASP A 832 1.06 14.05 18.64
N GLY A 833 2.26 14.57 18.44
CA GLY A 833 3.33 13.83 17.80
C GLY A 833 3.50 14.09 16.32
N ASP A 834 2.83 15.11 15.78
CA ASP A 834 2.98 15.42 14.37
C ASP A 834 4.36 16.00 14.08
N GLN A 835 5.03 15.44 13.08
CA GLN A 835 6.35 15.90 12.69
C GLN A 835 6.22 17.06 11.72
N PHE A 836 7.03 18.10 11.93
CA PHE A 836 6.96 19.33 11.17
C PHE A 836 8.18 19.44 10.26
N PHE A 837 7.95 19.66 8.97
CA PHE A 837 9.02 19.90 8.01
C PHE A 837 9.64 21.26 8.30
N VAL A 838 10.85 21.26 8.85
CA VAL A 838 11.55 22.49 9.21
C VAL A 838 12.88 22.52 8.48
N SER A 839 13.13 23.59 7.73
CA SER A 839 14.41 23.75 7.05
C SER A 839 14.84 25.21 7.08
N TRP A 840 16.10 25.43 7.41
CA TRP A 840 16.71 26.76 7.39
C TRP A 840 17.25 27.14 6.02
N ASP A 841 17.13 26.24 5.03
CA ASP A 841 17.67 26.47 3.69
C ASP A 841 16.95 27.66 3.07
N GLU A 842 17.68 28.75 2.86
CA GLU A 842 17.08 29.99 2.36
C GLU A 842 16.54 29.86 0.95
N LYS A 843 16.96 28.83 0.20
CA LYS A 843 16.53 28.70 -1.18
C LYS A 843 15.03 28.41 -1.28
N ILE A 844 14.49 27.60 -0.38
CA ILE A 844 13.08 27.24 -0.42
C ILE A 844 12.24 28.05 0.57
N ILE A 845 12.85 28.96 1.32
CA ILE A 845 12.09 29.78 2.25
C ILE A 845 11.33 30.83 1.45
N PRO A 846 10.00 30.84 1.49
CA PRO A 846 9.24 31.83 0.72
C PRO A 846 9.48 33.24 1.21
N SER A 847 9.42 34.19 0.27
CA SER A 847 9.50 35.59 0.64
C SER A 847 8.29 36.01 1.46
N GLU A 848 7.11 35.52 1.11
CA GLU A 848 5.88 35.81 1.83
C GLU A 848 5.13 34.50 2.09
N MET A 849 4.41 34.46 3.19
CA MET A 849 3.61 33.29 3.57
C MET A 849 2.13 33.60 3.40
N ASP A 850 1.43 32.70 2.72
CA ASP A 850 -0.01 32.85 2.53
C ASP A 850 -0.71 32.74 3.88
N PRO A 851 -1.71 33.58 4.14
CA PRO A 851 -2.44 33.49 5.39
C PRO A 851 -3.27 32.21 5.45
N PRO A 852 -3.29 31.55 6.60
CA PRO A 852 -3.71 30.14 6.64
C PRO A 852 -5.22 29.97 6.56
N MET A 853 -5.62 28.72 6.31
CA MET A 853 -7.01 28.31 6.33
C MET A 853 -7.51 28.25 7.77
N ASP A 854 -8.83 28.38 7.92
CA ASP A 854 -9.43 28.40 9.25
C ASP A 854 -9.15 27.12 10.02
N TYR A 855 -9.30 25.97 9.36
CA TYR A 855 -9.06 24.66 9.98
C TYR A 855 -9.87 24.50 11.26
N ALA A 856 -11.14 24.87 11.21
CA ALA A 856 -12.03 24.78 12.37
C ALA A 856 -12.33 23.33 12.70
N ARG A 861 -20.20 14.68 17.58
CA ARG A 861 -21.53 14.54 18.14
C ARG A 861 -21.66 13.26 18.96
N LEU A 862 -21.91 13.42 20.26
CA LEU A 862 -22.06 12.29 21.17
C LEU A 862 -23.52 11.83 21.13
N MET A 863 -23.84 11.05 20.11
CA MET A 863 -25.20 10.56 19.94
C MET A 863 -25.57 9.61 21.07
N ASP A 864 -26.82 9.72 21.53
CA ASP A 864 -27.29 8.93 22.66
C ASP A 864 -27.35 7.43 22.35
N HIS A 865 -27.27 7.04 21.09
CA HIS A 865 -27.34 5.63 20.71
C HIS A 865 -26.07 4.86 21.06
N ASP A 866 -25.12 5.48 21.75
CA ASP A 866 -23.85 4.84 22.12
C ASP A 866 -23.11 4.42 20.86
N VAL A 867 -22.13 3.53 20.99
CA VAL A 867 -21.40 2.99 19.85
C VAL A 867 -21.77 1.52 19.71
N THR A 868 -22.21 1.13 18.50
CA THR A 868 -22.54 -0.24 18.19
C THR A 868 -21.51 -0.81 17.22
N LEU A 869 -21.48 -2.14 17.14
CA LEU A 869 -20.59 -2.79 16.18
C LEU A 869 -20.97 -2.43 14.76
N GLU A 870 -22.28 -2.34 14.48
CA GLU A 870 -22.75 -1.95 13.16
C GLU A 870 -22.31 -0.53 12.82
N GLU A 871 -22.28 0.36 13.82
CA GLU A 871 -21.81 1.71 13.58
C GLU A 871 -20.33 1.73 13.19
N ILE A 872 -19.52 0.88 13.83
CA ILE A 872 -18.11 0.79 13.47
C ILE A 872 -17.95 0.21 12.07
N HIS A 873 -18.76 -0.79 11.72
CA HIS A 873 -18.73 -1.32 10.36
C HIS A 873 -19.10 -0.24 9.34
N LYS A 874 -20.11 0.56 9.66
CA LYS A 874 -20.50 1.65 8.76
C LYS A 874 -19.39 2.68 8.65
N PHE A 875 -18.68 2.93 9.75
CA PHE A 875 -17.54 3.84 9.70
C PHE A 875 -16.46 3.33 8.75
N PHE A 876 -16.15 2.03 8.84
CA PHE A 876 -15.17 1.44 7.93
C PHE A 876 -15.64 1.54 6.48
N VAL A 877 -16.91 1.23 6.23
CA VAL A 877 -17.44 1.28 4.87
C VAL A 877 -17.39 2.70 4.34
N ASP A 878 -17.79 3.67 5.15
CA ASP A 878 -17.77 5.07 4.71
C ASP A 878 -16.34 5.57 4.51
N TYR A 879 -15.38 5.03 5.26
CA TYR A 879 -13.98 5.37 5.00
C TYR A 879 -13.55 4.84 3.65
N MET A 880 -14.03 3.65 3.27
CA MET A 880 -13.78 3.19 1.91
C MET A 880 -14.44 4.10 0.88
N ILE A 881 -15.63 4.62 1.21
CA ILE A 881 -16.31 5.55 0.31
C ILE A 881 -15.46 6.79 0.11
N SER A 882 -14.89 7.32 1.20
CA SER A 882 -14.04 8.51 1.10
C SER A 882 -12.79 8.21 0.29
N ASP A 883 -12.45 9.14 -0.60
CA ASP A 883 -11.26 8.98 -1.42
C ASP A 883 -9.99 9.05 -0.57
N THR A 884 -9.01 8.25 -0.94
CA THR A 884 -7.77 8.18 -0.19
C THR A 884 -7.05 9.52 -0.21
N LEU A 885 -6.32 9.82 0.86
CA LEU A 885 -5.52 11.04 0.91
C LEU A 885 -4.54 11.10 -0.25
N GLY A 886 -4.01 9.96 -0.66
CA GLY A 886 -3.05 9.94 -1.76
C GLY A 886 -3.65 10.42 -3.07
N VAL A 887 -4.86 9.96 -3.40
CA VAL A 887 -5.45 10.36 -4.67
C VAL A 887 -5.86 11.83 -4.63
N ILE A 888 -6.27 12.33 -3.45
CA ILE A 888 -6.58 13.75 -3.33
C ILE A 888 -5.33 14.59 -3.53
N SER A 889 -4.21 14.18 -2.92
CA SER A 889 -2.96 14.91 -3.12
C SER A 889 -2.52 14.84 -4.57
N THR A 890 -2.70 13.69 -5.21
CA THR A 890 -2.34 13.55 -6.63
C THR A 890 -3.18 14.46 -7.51
N ALA A 891 -4.48 14.56 -7.21
CA ALA A 891 -5.36 15.44 -7.97
C ALA A 891 -4.99 16.91 -7.74
N HIS A 892 -4.60 17.25 -6.51
CA HIS A 892 -4.13 18.61 -6.24
C HIS A 892 -2.87 18.91 -7.04
N LEU A 893 -1.97 17.93 -7.13
CA LEU A 893 -0.78 18.09 -7.98
C LEU A 893 -1.16 18.27 -9.43
N VAL A 894 -2.13 17.49 -9.92
CA VAL A 894 -2.54 17.59 -11.32
C VAL A 894 -3.11 18.97 -11.62
N HIS A 895 -4.00 19.46 -10.75
CA HIS A 895 -4.57 20.79 -10.95
C HIS A 895 -3.60 21.90 -10.58
N ALA A 896 -2.46 21.58 -9.99
CA ALA A 896 -1.47 22.57 -9.58
C ALA A 896 -0.33 22.74 -10.58
N ASP A 897 -0.18 21.83 -11.53
CA ASP A 897 0.92 21.87 -12.49
C ASP A 897 0.59 22.67 -13.74
N ARG A 898 -0.60 23.24 -13.84
CA ARG A 898 -0.98 23.97 -15.04
C ARG A 898 -1.47 25.38 -14.77
N ASP A 899 -2.18 25.59 -13.66
CA ASP A 899 -2.79 26.89 -13.42
C ASP A 899 -1.71 27.94 -13.12
N PRO A 900 -1.94 29.20 -13.53
CA PRO A 900 -0.99 30.26 -13.16
C PRO A 900 -0.81 30.40 -11.67
N GLU A 901 -1.90 30.29 -10.90
CA GLU A 901 -1.82 30.19 -9.45
C GLU A 901 -1.73 28.70 -9.12
N LYS A 902 -0.51 28.24 -8.81
CA LYS A 902 -0.27 26.80 -8.70
C LYS A 902 -1.13 26.18 -7.63
N ALA A 903 -1.10 26.72 -6.41
CA ALA A 903 -1.86 26.16 -5.31
C ALA A 903 -2.97 27.06 -4.80
N ARG A 904 -2.93 28.36 -5.11
CA ARG A 904 -4.01 29.26 -4.76
C ARG A 904 -5.17 29.20 -5.74
N SER A 905 -5.15 28.21 -6.64
CA SER A 905 -6.24 28.03 -7.59
C SER A 905 -7.51 27.59 -6.86
N GLN A 906 -8.66 27.93 -7.44
CA GLN A 906 -9.93 27.55 -6.84
C GLN A 906 -10.07 26.04 -6.77
N LYS A 907 -9.68 25.33 -7.82
CA LYS A 907 -9.69 23.88 -7.80
C LYS A 907 -8.79 23.35 -6.68
N CYS A 908 -7.57 23.90 -6.58
CA CYS A 908 -6.63 23.42 -5.58
C CYS A 908 -7.10 23.75 -4.16
N LEU A 909 -7.68 24.93 -3.96
CA LEU A 909 -8.16 25.28 -2.62
C LEU A 909 -9.36 24.42 -2.22
N GLU A 910 -10.30 24.20 -3.15
CA GLU A 910 -11.44 23.34 -2.85
C GLU A 910 -10.98 21.92 -2.55
N LEU A 911 -10.00 21.42 -3.30
CA LEU A 911 -9.53 20.07 -3.05
C LEU A 911 -8.69 19.98 -1.78
N ALA A 912 -8.03 21.08 -1.39
CA ALA A 912 -7.36 21.09 -0.09
C ALA A 912 -8.37 21.04 1.05
N ASN A 913 -9.50 21.76 0.90
CA ASN A 913 -10.56 21.65 1.87
C ASN A 913 -11.10 20.22 1.93
N LEU A 914 -11.26 19.58 0.76
CA LEU A 914 -11.71 18.20 0.71
C LEU A 914 -10.71 17.27 1.38
N HIS A 915 -9.41 17.53 1.20
CA HIS A 915 -8.38 16.73 1.86
C HIS A 915 -8.45 16.91 3.38
N SER A 916 -8.71 18.14 3.83
CA SER A 916 -8.88 18.37 5.26
C SER A 916 -10.10 17.60 5.79
N ARG A 917 -11.18 17.57 5.01
CA ARG A 917 -12.35 16.78 5.39
C ARG A 917 -12.01 15.29 5.46
N ALA A 918 -11.21 14.81 4.51
CA ALA A 918 -10.81 13.40 4.52
C ALA A 918 -9.96 13.08 5.74
N VAL A 919 -9.06 13.99 6.12
CA VAL A 919 -8.27 13.79 7.33
C VAL A 919 -9.17 13.79 8.56
N ASP A 920 -10.12 14.73 8.62
CA ASP A 920 -11.04 14.82 9.75
C ASP A 920 -12.09 13.72 9.76
N PHE A 921 -12.15 12.90 8.70
CA PHE A 921 -13.09 11.78 8.69
C PHE A 921 -12.91 10.88 9.90
N ALA A 922 -11.69 10.77 10.42
CA ALA A 922 -11.47 10.03 11.66
C ALA A 922 -12.23 10.64 12.83
N LYS A 923 -12.66 11.89 12.71
CA LYS A 923 -13.46 12.56 13.73
C LYS A 923 -14.94 12.64 13.36
N THR A 924 -15.24 13.00 12.12
CA THR A 924 -16.61 13.11 11.63
C THR A 924 -16.79 12.17 10.45
N GLY A 925 -17.69 11.21 10.58
CA GLY A 925 -17.88 10.20 9.56
C GLY A 925 -18.59 10.69 8.31
N ALA A 926 -18.05 11.73 7.68
CA ALA A 926 -18.58 12.23 6.41
C ALA A 926 -17.58 11.94 5.30
N PRO A 927 -17.87 10.99 4.40
CA PRO A 927 -16.88 10.65 3.38
C PRO A 927 -16.55 11.83 2.48
N ALA A 928 -15.28 11.94 2.11
CA ALA A 928 -14.79 12.99 1.23
C ALA A 928 -14.82 12.46 -0.20
N GLU A 929 -15.98 12.55 -0.83
CA GLU A 929 -16.15 12.09 -2.21
C GLU A 929 -15.67 13.18 -3.15
N MET A 930 -14.57 12.92 -3.84
CA MET A 930 -14.02 13.91 -4.75
C MET A 930 -14.92 14.04 -5.98
N PRO A 931 -15.42 15.23 -6.29
CA PRO A 931 -16.36 15.37 -7.41
C PRO A 931 -15.69 15.13 -8.75
N TYR A 932 -16.53 14.95 -9.77
CA TYR A 932 -16.03 14.75 -11.13
C TYR A 932 -15.26 15.96 -11.62
N ALA A 933 -15.73 17.16 -11.27
CA ALA A 933 -15.02 18.38 -11.67
C ALA A 933 -13.62 18.43 -11.10
N LEU A 934 -13.40 17.84 -9.93
CA LEU A 934 -12.08 17.82 -9.30
C LEU A 934 -11.27 16.60 -9.69
N LYS A 935 -11.83 15.68 -10.47
CA LYS A 935 -11.09 14.51 -10.89
C LYS A 935 -10.07 14.87 -11.97
N PRO A 936 -8.86 14.29 -11.92
CA PRO A 936 -7.85 14.57 -12.95
C PRO A 936 -8.24 13.91 -14.27
N ARG A 937 -8.65 14.74 -15.23
CA ARG A 937 -8.96 14.22 -16.56
C ARG A 937 -7.67 13.82 -17.29
N GLU A 938 -6.65 14.66 -17.23
CA GLU A 938 -5.34 14.38 -17.80
C GLU A 938 -4.28 14.57 -16.72
N PHE A 939 -3.35 13.61 -16.63
CA PHE A 939 -2.39 13.56 -15.53
C PHE A 939 -1.00 13.96 -15.98
N PRO A 940 -0.24 14.63 -15.12
CA PRO A 940 1.14 14.97 -15.46
C PRO A 940 1.96 13.76 -15.89
N ASP A 941 2.98 14.02 -16.71
CA ASP A 941 3.93 12.97 -17.07
C ASP A 941 4.79 12.53 -15.90
N PHE A 942 4.95 13.40 -14.88
CA PHE A 942 5.73 13.03 -13.71
C PHE A 942 5.10 11.86 -12.98
N LEU A 943 3.77 11.85 -12.88
CA LEU A 943 3.06 10.72 -12.28
C LEU A 943 2.96 9.61 -13.31
N GLU A 944 3.46 8.43 -12.97
CA GLU A 944 3.48 7.30 -13.88
C GLU A 944 2.09 6.67 -13.94
N ARG A 945 1.15 7.44 -14.49
CA ARG A 945 -0.23 7.02 -14.69
C ARG A 945 -0.37 6.70 -16.18
N PHE A 946 -0.08 5.44 -16.53
CA PHE A 946 -0.11 5.05 -17.94
C PHE A 946 -1.54 4.95 -18.47
N GLU A 947 -2.49 4.55 -17.63
CA GLU A 947 -3.88 4.47 -18.08
C GLU A 947 -4.48 5.84 -18.36
N LYS A 948 -4.02 6.86 -17.63
CA LYS A 948 -4.54 8.22 -17.81
C LYS A 948 -3.88 8.88 -19.03
N PRO A 949 -4.56 9.85 -19.66
CA PRO A 949 -3.94 10.55 -20.78
C PRO A 949 -2.92 11.57 -20.32
N THR A 950 -1.65 11.30 -20.58
CA THR A 950 -0.57 12.12 -20.05
C THR A 950 -0.34 13.36 -20.89
N TYR A 951 -0.08 14.47 -20.22
CA TYR A 951 0.37 15.71 -20.84
C TYR A 951 1.71 16.10 -20.21
N ILE A 952 2.60 16.65 -21.02
CA ILE A 952 3.91 17.05 -20.52
C ILE A 952 3.75 18.18 -19.51
N SER A 953 4.61 18.18 -18.51
CA SER A 953 4.45 19.06 -17.34
C SER A 953 5.70 19.91 -17.12
N GLU A 954 6.18 20.53 -18.19
CA GLU A 954 7.33 21.43 -18.10
C GLU A 954 7.03 22.72 -17.36
N SER A 955 5.87 22.87 -16.73
CA SER A 955 5.48 24.15 -16.13
C SER A 955 5.90 24.26 -14.67
N VAL A 956 5.40 23.38 -13.81
CA VAL A 956 5.53 23.51 -12.36
C VAL A 956 6.32 22.31 -11.86
N PHE A 957 7.64 22.49 -11.74
CA PHE A 957 8.60 21.51 -11.21
C PHE A 957 8.41 20.11 -11.79
N GLY A 958 7.81 19.99 -12.99
CA GLY A 958 7.81 18.71 -13.66
C GLY A 958 9.15 18.34 -14.26
N LYS A 959 10.08 19.28 -14.30
CA LYS A 959 11.43 19.03 -14.78
C LYS A 959 12.19 18.08 -13.87
N LEU A 960 11.74 17.91 -12.62
CA LEU A 960 12.43 17.02 -11.70
C LEU A 960 12.33 15.56 -12.16
N TYR A 961 11.17 15.17 -12.69
CA TYR A 961 11.03 13.82 -13.22
C TYR A 961 11.98 13.58 -14.39
N ARG A 962 12.09 14.56 -15.29
CA ARG A 962 13.01 14.44 -16.42
C ARG A 962 14.45 14.38 -15.94
N ALA A 963 14.79 15.16 -14.93
CA ALA A 963 16.14 15.11 -14.37
C ALA A 963 16.42 13.74 -13.76
N VAL A 964 15.44 13.17 -13.07
CA VAL A 964 15.62 11.84 -12.47
C VAL A 964 15.83 10.80 -13.54
N LYS A 965 15.03 10.85 -14.61
CA LYS A 965 15.20 9.92 -15.71
C LYS A 965 16.55 10.10 -16.40
N SER A 966 16.99 11.34 -16.58
CA SER A 966 18.30 11.58 -17.19
C SER A 966 19.42 11.02 -16.32
N SER A 967 19.32 11.21 -15.00
CA SER A 967 20.32 10.64 -14.09
C SER A 967 20.27 9.11 -14.12
N LEU A 968 19.06 8.54 -14.13
CA LEU A 968 18.93 7.09 -14.22
C LEU A 968 19.45 6.58 -15.56
N ALA A 969 19.11 7.26 -16.66
CA ALA A 969 19.60 6.88 -17.98
C ALA A 969 20.81 7.74 -18.33
N GLN A 970 21.92 7.44 -17.66
CA GLN A 970 23.16 8.18 -17.86
C GLN A 970 23.83 7.78 -19.18
N THR A 980 33.93 -12.70 -7.56
CA THR A 980 33.94 -13.23 -6.20
C THR A 980 35.10 -12.62 -5.40
N VAL A 981 34.99 -12.67 -4.08
CA VAL A 981 35.99 -12.09 -3.19
C VAL A 981 36.48 -13.14 -2.20
N ALA A 982 36.50 -14.41 -2.63
CA ALA A 982 36.91 -15.49 -1.74
C ALA A 982 38.36 -15.32 -1.30
N TYR A 983 39.23 -14.91 -2.23
CA TYR A 983 40.63 -14.68 -1.86
C TYR A 983 40.77 -13.55 -0.85
N ASP A 984 40.03 -12.46 -1.07
CA ASP A 984 40.08 -11.33 -0.13
C ASP A 984 39.55 -11.76 1.24
N VAL A 985 38.50 -12.57 1.26
CA VAL A 985 37.99 -13.07 2.54
C VAL A 985 39.03 -13.93 3.25
N THR A 986 39.59 -14.88 2.52
CA THR A 986 40.58 -15.78 3.12
C THR A 986 41.84 -15.04 3.56
N LEU A 987 42.10 -13.88 2.98
CA LEU A 987 43.29 -13.11 3.34
C LEU A 987 43.04 -12.15 4.50
N GLU A 988 42.10 -11.22 4.33
CA GLU A 988 41.90 -10.13 5.28
C GLU A 988 40.70 -10.32 6.18
N GLU A 989 39.97 -11.43 6.06
CA GLU A 989 38.80 -11.67 6.91
C GLU A 989 38.73 -13.08 7.46
N ALA A 990 39.48 -14.03 6.93
CA ALA A 990 39.49 -15.42 7.39
C ALA A 990 40.93 -15.87 7.62
N GLY A 991 41.72 -15.03 8.28
CA GLY A 991 43.10 -15.39 8.55
C GLY A 991 43.23 -16.62 9.43
N PHE A 992 42.39 -16.73 10.45
CA PHE A 992 42.36 -17.92 11.29
C PHE A 992 41.77 -19.08 10.51
N GLU A 993 42.44 -20.22 10.56
CA GLU A 993 41.99 -21.41 9.83
C GLU A 993 40.69 -21.92 10.46
N SER A 994 39.57 -21.77 9.75
CA SER A 994 38.30 -22.25 10.26
C SER A 994 38.17 -23.76 10.12
N PHE A 995 38.20 -24.25 8.88
CA PHE A 995 38.14 -25.68 8.57
C PHE A 995 36.89 -26.34 9.18
N ILE A 996 35.86 -25.55 9.46
CA ILE A 996 34.64 -26.11 10.06
C ILE A 996 33.77 -26.74 8.98
N GLU A 997 33.39 -25.96 7.97
CA GLU A 997 32.53 -26.40 6.87
C GLU A 997 31.16 -26.88 7.35
N THR A 998 30.83 -26.61 8.61
CA THR A 998 29.49 -26.91 9.11
C THR A 998 28.43 -25.96 8.54
N ALA A 999 28.85 -24.82 7.98
CA ALA A 999 27.91 -23.90 7.37
C ALA A 999 27.39 -24.37 6.03
N LYS A 1000 27.92 -25.47 5.50
CA LYS A 1000 27.38 -26.02 4.26
C LYS A 1000 25.92 -26.44 4.44
N ALA A 1001 25.62 -27.07 5.57
CA ALA A 1001 24.23 -27.45 5.85
C ALA A 1001 23.34 -26.22 5.96
N HIS A 1002 23.82 -25.17 6.63
CA HIS A 1002 23.04 -23.94 6.74
C HIS A 1002 22.79 -23.33 5.37
N ARG A 1003 23.82 -23.30 4.51
CA ARG A 1003 23.63 -22.83 3.14
C ARG A 1003 22.67 -23.72 2.37
N ASP A 1004 22.56 -24.99 2.74
CA ASP A 1004 21.58 -25.89 2.15
C ASP A 1004 20.26 -25.89 2.90
N MET A 1005 20.19 -25.24 4.06
CA MET A 1005 18.95 -25.14 4.83
C MET A 1005 18.46 -23.70 4.92
N TYR A 1006 19.28 -22.78 5.42
CA TYR A 1006 18.90 -21.37 5.40
C TYR A 1006 18.81 -20.85 3.98
N GLY A 1007 19.71 -21.29 3.11
CA GLY A 1007 19.56 -20.97 1.69
C GLY A 1007 18.30 -21.56 1.11
N GLU A 1008 17.97 -22.79 1.51
CA GLU A 1008 16.71 -23.39 1.10
C GLU A 1008 15.52 -22.61 1.61
N LYS A 1009 15.60 -22.12 2.85
CA LYS A 1009 14.53 -21.28 3.39
C LYS A 1009 14.38 -19.99 2.60
N LEU A 1010 15.51 -19.37 2.24
CA LEU A 1010 15.45 -18.14 1.45
C LEU A 1010 14.88 -18.41 0.06
N THR A 1011 15.25 -19.54 -0.54
CA THR A 1011 14.67 -19.91 -1.84
C THR A 1011 13.17 -20.14 -1.71
N SER A 1012 12.74 -20.75 -0.60
CA SER A 1012 11.31 -20.94 -0.36
C SER A 1012 10.59 -19.61 -0.23
N LEU A 1013 11.20 -18.67 0.49
CA LEU A 1013 10.59 -17.34 0.64
C LEU A 1013 10.51 -16.64 -0.72
N MET A 1014 11.55 -16.75 -1.54
CA MET A 1014 11.53 -16.16 -2.87
C MET A 1014 10.45 -16.79 -3.74
N ILE A 1015 10.31 -18.11 -3.68
CA ILE A 1015 9.28 -18.79 -4.46
C ILE A 1015 7.90 -18.37 -4.00
N TYR A 1016 7.71 -18.20 -2.69
CA TYR A 1016 6.40 -17.86 -2.15
C TYR A 1016 5.99 -16.44 -2.53
N TYR A 1017 6.90 -15.48 -2.34
CA TYR A 1017 6.57 -14.08 -2.55
C TYR A 1017 7.50 -13.36 -3.51
N GLY A 1018 8.80 -13.67 -3.48
CA GLY A 1018 9.76 -12.92 -4.24
C GLY A 1018 9.66 -13.15 -5.73
N ALA A 1019 10.29 -12.26 -6.49
CA ALA A 1019 10.35 -12.37 -7.94
C ALA A 1019 11.75 -12.20 -8.52
N ALA A 1020 12.66 -11.55 -7.82
CA ALA A 1020 14.03 -11.37 -8.29
C ALA A 1020 14.91 -12.50 -7.75
N ASN A 1021 16.23 -12.36 -7.91
CA ASN A 1021 17.18 -13.34 -7.44
C ASN A 1021 17.87 -12.93 -6.14
N GLU A 1022 17.40 -11.87 -5.50
CA GLU A 1022 18.02 -11.40 -4.27
C GLU A 1022 17.82 -12.42 -3.14
N GLU A 1023 18.87 -12.60 -2.34
CA GLU A 1023 18.84 -13.54 -1.23
C GLU A 1023 18.96 -12.86 0.12
N GLU A 1024 18.87 -11.54 0.17
CA GLU A 1024 19.01 -10.76 1.39
C GLU A 1024 17.64 -10.32 1.89
N ILE A 1025 17.63 -9.62 3.02
CA ILE A 1025 16.39 -9.19 3.68
C ILE A 1025 15.53 -8.32 2.78
N LEU A 1026 16.13 -7.66 1.79
CA LEU A 1026 15.39 -6.82 0.85
C LEU A 1026 14.92 -7.59 -0.38
N THR A 1027 14.75 -8.91 -0.26
CA THR A 1027 14.36 -9.72 -1.42
C THR A 1027 13.01 -9.29 -1.97
N GLY A 1028 12.05 -9.02 -1.08
CA GLY A 1028 10.74 -8.58 -1.52
C GLY A 1028 10.61 -7.09 -1.77
N ILE A 1029 11.68 -6.33 -1.56
CA ILE A 1029 11.67 -4.89 -1.82
C ILE A 1029 12.08 -4.71 -3.28
N LEU A 1030 11.10 -4.80 -4.17
CA LEU A 1030 11.35 -4.66 -5.60
C LEU A 1030 10.79 -3.36 -6.14
N ASP A 1046 6.72 -5.98 -0.07
CA ASP A 1046 7.77 -5.40 0.74
C ASP A 1046 7.25 -4.96 2.10
N MET A 1047 5.92 -5.03 2.27
CA MET A 1047 5.32 -4.66 3.54
C MET A 1047 5.76 -5.58 4.66
N LYS A 1048 5.84 -6.88 4.38
CA LYS A 1048 6.26 -7.87 5.37
C LYS A 1048 7.46 -8.69 4.94
N ASP A 1049 8.04 -8.41 3.76
CA ASP A 1049 9.22 -9.16 3.33
C ASP A 1049 10.40 -8.95 4.25
N ARG A 1050 10.55 -7.72 4.78
CA ARG A 1050 11.57 -7.47 5.79
C ARG A 1050 11.29 -8.18 7.10
N ILE A 1051 10.06 -8.68 7.29
CA ILE A 1051 9.72 -9.47 8.46
C ILE A 1051 9.86 -10.97 8.18
N THR A 1052 9.40 -11.42 7.02
CA THR A 1052 9.64 -12.80 6.62
C THR A 1052 11.14 -13.08 6.53
N LEU A 1053 11.87 -12.19 5.86
CA LEU A 1053 13.32 -12.19 5.95
C LEU A 1053 13.76 -11.52 7.24
N SER A 1054 15.06 -11.62 7.54
CA SER A 1054 15.65 -11.18 8.79
C SER A 1054 15.13 -12.00 9.96
N VAL A 1055 14.24 -12.96 9.67
CA VAL A 1055 13.85 -13.97 10.64
C VAL A 1055 14.55 -15.28 10.37
N LYS A 1056 14.69 -15.64 9.09
CA LYS A 1056 15.58 -16.73 8.70
C LYS A 1056 17.01 -16.40 9.10
N ASP A 1057 17.42 -15.13 8.89
CA ASP A 1057 18.72 -14.68 9.39
C ASP A 1057 18.75 -14.75 10.91
N LEU A 1058 17.66 -14.35 11.57
CA LEU A 1058 17.55 -14.53 13.01
C LEU A 1058 17.58 -16.01 13.36
N HIS A 1059 16.88 -16.84 12.57
CA HIS A 1059 17.01 -18.29 12.73
C HIS A 1059 18.44 -18.74 12.42
N LYS A 1060 19.06 -18.16 11.40
CA LYS A 1060 20.45 -18.46 11.10
C LYS A 1060 21.36 -18.01 12.24
N GLU A 1061 21.08 -16.84 12.83
CA GLU A 1061 21.86 -16.37 13.96
C GLU A 1061 21.73 -17.33 15.13
N ALA A 1062 20.52 -17.81 15.40
CA ALA A 1062 20.35 -18.85 16.41
C ALA A 1062 21.03 -20.14 15.99
N MET A 1063 20.90 -20.50 14.70
CA MET A 1063 21.58 -21.69 14.20
C MET A 1063 23.09 -21.52 14.20
N GLY A 1064 23.57 -20.32 13.86
CA GLY A 1064 25.00 -20.07 13.85
C GLY A 1064 25.62 -20.20 15.23
N TRP A 1065 24.97 -19.63 16.24
CA TRP A 1065 25.46 -19.75 17.61
C TRP A 1065 25.26 -21.16 18.15
N PHE A 1066 24.25 -21.88 17.67
CA PHE A 1066 24.05 -23.26 18.10
C PHE A 1066 25.22 -24.15 17.66
N GLU A 1067 25.72 -23.95 16.44
CA GLU A 1067 26.84 -24.71 15.94
C GLU A 1067 28.17 -24.23 16.50
N LYS A 1068 28.19 -23.11 17.22
CA LYS A 1068 29.40 -22.58 17.83
C LYS A 1068 29.46 -22.99 19.29
N SER A 1069 30.58 -23.62 19.68
CA SER A 1069 30.75 -24.14 21.03
C SER A 1069 31.39 -23.13 21.97
N CYS A 1070 31.66 -21.91 21.50
CA CYS A 1070 32.27 -20.86 22.31
C CYS A 1070 33.59 -21.31 22.93
N GLU A 1073 35.58 -16.47 24.44
CA GLU A 1073 36.51 -16.90 23.41
C GLU A 1073 35.86 -16.77 22.03
N GLN A 1074 35.31 -17.88 21.53
CA GLN A 1074 34.52 -17.93 20.31
C GLN A 1074 35.35 -17.73 19.06
N GLN A 1075 36.65 -17.47 19.23
CA GLN A 1075 37.52 -17.32 18.06
C GLN A 1075 37.62 -18.62 17.27
N LYS A 1076 37.60 -19.75 17.96
CA LYS A 1076 37.61 -21.06 17.31
C LYS A 1076 36.21 -21.56 16.97
N LYS A 1077 35.16 -20.89 17.44
CA LYS A 1077 33.79 -21.32 17.13
C LYS A 1077 33.03 -20.30 16.30
N LYS A 1078 32.88 -19.06 16.79
CA LYS A 1078 32.03 -18.10 16.08
C LYS A 1078 32.73 -17.56 14.84
N LEU A 1079 33.98 -17.09 15.00
CA LEU A 1079 34.75 -16.64 13.85
C LEU A 1079 34.99 -17.78 12.88
N ALA A 1080 35.18 -19.00 13.40
CA ALA A 1080 35.36 -20.15 12.52
C ALA A 1080 34.11 -20.43 11.69
N SER A 1081 32.93 -20.34 12.32
CA SER A 1081 31.69 -20.55 11.57
C SER A 1081 31.49 -19.44 10.53
N ALA A 1082 31.81 -18.20 10.89
CA ALA A 1082 31.68 -17.10 9.93
C ALA A 1082 32.62 -17.30 8.74
N TRP A 1083 33.86 -17.70 9.00
CA TRP A 1083 34.81 -17.93 7.93
C TRP A 1083 34.40 -19.13 7.08
N TYR A 1084 33.84 -20.17 7.71
CA TYR A 1084 33.37 -21.32 6.96
C TYR A 1084 32.21 -20.95 6.04
N TYR A 1085 31.28 -20.12 6.54
CA TYR A 1085 30.18 -19.66 5.70
C TYR A 1085 30.70 -18.81 4.55
N VAL A 1086 31.68 -17.94 4.82
CA VAL A 1086 32.26 -17.10 3.77
C VAL A 1086 32.92 -17.97 2.71
N THR A 1087 33.67 -18.99 3.14
CA THR A 1087 34.33 -19.89 2.19
C THR A 1087 33.31 -20.69 1.38
N TYR A 1088 32.24 -21.15 2.03
CA TYR A 1088 31.22 -21.90 1.32
C TYR A 1088 30.52 -21.05 0.27
N ASN A 1089 30.24 -19.80 0.60
CA ASN A 1089 29.54 -18.94 -0.36
C ASN A 1089 30.49 -18.42 -1.44
N PRO A 1090 31.59 -17.77 -1.07
CA PRO A 1090 32.44 -17.13 -2.08
C PRO A 1090 33.31 -18.08 -2.88
N ASN A 1091 33.95 -19.05 -2.21
CA ASN A 1091 34.90 -19.92 -2.90
C ASN A 1091 34.19 -20.94 -3.78
N HIS A 1092 33.04 -21.45 -3.33
CA HIS A 1092 32.25 -22.42 -4.08
C HIS A 1092 31.03 -21.77 -4.72
N ARG A 1093 31.16 -20.52 -5.17
CA ARG A 1093 30.04 -19.81 -5.77
C ARG A 1093 29.54 -20.49 -7.04
N ASP A 1094 30.37 -21.32 -7.68
CA ASP A 1094 29.92 -22.05 -8.86
C ASP A 1094 28.91 -23.14 -8.53
N GLU A 1095 28.74 -23.46 -7.24
CA GLU A 1095 27.79 -24.49 -6.84
C GLU A 1095 26.36 -23.97 -7.02
N LYS A 1096 25.40 -24.83 -6.70
CA LYS A 1096 23.98 -24.52 -6.88
C LYS A 1096 23.41 -23.86 -5.62
N LEU A 1097 24.06 -22.77 -5.20
CA LEU A 1097 23.61 -21.98 -4.07
C LEU A 1097 23.17 -20.58 -4.51
N THR A 1098 24.06 -19.83 -5.15
CA THR A 1098 23.75 -18.50 -5.68
C THR A 1098 23.11 -17.61 -4.62
N PHE A 1099 23.68 -17.64 -3.41
CA PHE A 1099 23.11 -16.92 -2.27
C PHE A 1099 23.80 -15.57 -2.05
N LEU A 1100 25.11 -15.58 -1.83
CA LEU A 1100 25.91 -14.39 -1.54
C LEU A 1100 25.44 -13.65 -0.29
N SER A 1101 24.53 -14.25 0.47
CA SER A 1101 24.01 -13.62 1.68
C SER A 1101 24.15 -14.48 2.93
N PHE A 1102 24.50 -15.75 2.80
CA PHE A 1102 24.70 -16.59 3.97
C PHE A 1102 25.80 -16.05 4.88
N PRO A 1103 26.98 -15.67 4.36
CA PRO A 1103 27.98 -15.02 5.23
C PRO A 1103 27.51 -13.71 5.80
N TRP A 1104 26.54 -13.04 5.16
CA TRP A 1104 26.01 -11.78 5.66
C TRP A 1104 25.05 -11.96 6.82
N ILE A 1105 24.51 -13.18 7.01
CA ILE A 1105 23.69 -13.43 8.19
C ILE A 1105 24.53 -13.33 9.45
N VAL A 1106 25.79 -13.77 9.38
CA VAL A 1106 26.76 -13.58 10.44
C VAL A 1106 27.66 -12.42 10.04
N GLY A 1107 27.14 -11.54 9.19
CA GLY A 1107 27.94 -10.47 8.61
C GLY A 1107 28.60 -9.58 9.65
N ASP A 1108 27.98 -9.42 10.82
CA ASP A 1108 28.63 -8.69 11.89
C ASP A 1108 29.90 -9.39 12.35
N VAL A 1109 29.84 -10.71 12.53
CA VAL A 1109 31.02 -11.46 12.93
C VAL A 1109 32.05 -11.47 11.81
N LEU A 1110 31.60 -11.57 10.56
CA LEU A 1110 32.52 -11.54 9.43
C LEU A 1110 33.26 -10.21 9.36
N LEU A 1111 32.54 -9.10 9.56
CA LEU A 1111 33.18 -7.79 9.56
C LEU A 1111 34.11 -7.61 10.75
N ASP A 1112 33.74 -8.16 11.91
CA ASP A 1112 34.63 -8.11 13.07
C ASP A 1112 35.92 -8.88 12.80
N ILE A 1113 35.82 -10.05 12.16
CA ILE A 1113 37.01 -10.82 11.83
C ILE A 1113 37.84 -10.09 10.79
N LYS A 1114 37.19 -9.44 9.83
CA LYS A 1114 37.91 -8.66 8.83
C LYS A 1114 38.68 -7.51 9.48
N ALA A 1115 38.04 -6.81 10.42
CA ALA A 1115 38.73 -5.74 11.13
C ALA A 1115 39.89 -6.28 11.97
N GLU A 1116 39.68 -7.41 12.64
CA GLU A 1116 40.73 -7.99 13.47
C GLU A 1116 41.94 -8.39 12.62
N ASN A 1117 41.70 -9.04 11.48
CA ASN A 1117 42.80 -9.38 10.59
C ASN A 1117 43.47 -8.12 10.03
N ALA A 1118 42.68 -7.11 9.68
CA ALA A 1118 43.26 -5.85 9.23
C ALA A 1118 44.02 -5.15 10.35
N GLN A 1119 43.53 -5.22 11.58
CA GLN A 1119 44.24 -4.64 12.71
C GLN A 1119 45.59 -5.31 12.91
N ARG A 1120 45.62 -6.65 12.82
CA ARG A 1120 46.90 -7.36 12.86
C ARG A 1120 47.69 -7.11 11.58
N GLN A 1121 47.02 -7.09 10.44
CA GLN A 1121 47.64 -6.83 9.14
C GLN A 1121 48.80 -7.78 8.86
MG MG B . -1.77 14.98 14.76
#